data_8IQS
#
_entry.id   8IQS
#
_cell.length_a   95.330
_cell.length_b   103.460
_cell.length_c   174.970
_cell.angle_alpha   90.00
_cell.angle_beta   90.00
_cell.angle_gamma   90.00
#
_symmetry.space_group_name_H-M   'C 2 2 21'
#
loop_
_entity.id
_entity.type
_entity.pdbx_description
1 polymer 'M11 VL-SARAH'
2 polymer 'M11 VH-SARAH'
3 non-polymer 'SULFATE ION'
4 non-polymer 3,6,9,12,15,18,21-HEPTAOXATRICOSANE-1,23-DIOL
5 water water
#
loop_
_entity_poly.entity_id
_entity_poly.type
_entity_poly.pdbx_seq_one_letter_code
_entity_poly.pdbx_strand_id
1 'polypeptide(L)'
;MSKIKGHHHHHHGGMDVLMTQTPLSLPVSLGDQASISCRSSQSIVHSNGNTYLEWYLQKPGQSPKLLIYKVSNRFSGVPD
RFSGSGSGTDFTLKISRVEAEDLGVYYCFQGSHVPYTFGGGTKLEIKRGSDYEFLKSWTVEDLQKRLLALDPMMEQEIEE
IRQKYQCKRQPILDAIEAK
;
L,l
2 'polypeptide(L)'
;MSKIKGHHHHHHGGMEVKLEESGGGLVQPGGSMKLSCVASGFTFSNYWMNWVRQSPEKGLEWVAEIRLKSNNYATQYAES
VKWRFTISRDDSKSSVYLQMNNLRAEDTGIYYCTRDYGNYVAYFDYWGQGTTVTVCSGSDYEFLKSWTVEDLQKRLLALD
PMMEQEIEEIRQKYQSKRQPILDAIEAK
;
H,h
#
# COMPACT_ATOMS: atom_id res chain seq x y z
N MET A 15 -10.53 42.40 7.77
CA MET A 15 -10.08 41.53 6.68
C MET A 15 -9.16 40.44 7.20
N ASP A 16 -9.32 39.23 6.66
CA ASP A 16 -8.51 38.10 7.08
C ASP A 16 -7.08 38.26 6.59
N VAL A 17 -6.15 37.63 7.30
CA VAL A 17 -4.73 37.69 6.95
C VAL A 17 -4.46 36.67 5.85
N LEU A 18 -3.96 37.14 4.71
CA LEU A 18 -3.57 36.28 3.61
C LEU A 18 -2.08 36.03 3.67
N MET A 19 -1.69 34.76 3.72
CA MET A 19 -0.29 34.36 3.73
C MET A 19 0.10 33.89 2.34
N THR A 20 0.98 34.63 1.68
CA THR A 20 1.44 34.32 0.33
C THR A 20 2.84 33.73 0.40
N GLN A 21 3.00 32.49 -0.03
CA GLN A 21 4.27 31.78 0.03
C GLN A 21 4.96 31.80 -1.32
N THR A 22 6.28 31.96 -1.30
CA THR A 22 7.10 31.94 -2.49
C THR A 22 8.37 31.17 -2.19
N PRO A 23 8.80 30.28 -3.09
CA PRO A 23 8.16 29.91 -4.36
C PRO A 23 7.16 28.79 -4.17
N LEU A 24 6.35 28.47 -5.19
CA LEU A 24 5.48 27.31 -5.11
C LEU A 24 6.30 26.03 -5.06
N SER A 25 7.36 25.96 -5.84
CA SER A 25 8.24 24.80 -5.89
C SER A 25 9.69 25.25 -5.76
N LEU A 26 10.48 24.47 -5.03
CA LEU A 26 11.89 24.75 -4.81
C LEU A 26 12.69 23.50 -5.13
N PRO A 27 13.06 23.30 -6.40
CA PRO A 27 13.91 22.15 -6.74
C PRO A 27 15.35 22.38 -6.28
N VAL A 28 15.87 21.43 -5.51
CA VAL A 28 17.22 21.52 -4.97
C VAL A 28 17.90 20.17 -5.10
N SER A 29 19.23 20.20 -4.96
CA SER A 29 20.02 19.00 -4.77
C SER A 29 20.34 18.85 -3.29
N LEU A 30 20.60 17.61 -2.88
CA LEU A 30 20.97 17.36 -1.49
C LEU A 30 22.24 18.12 -1.14
N GLY A 31 22.23 18.80 0.01
CA GLY A 31 23.32 19.64 0.41
C GLY A 31 23.18 21.10 0.02
N ASP A 32 22.17 21.45 -0.78
CA ASP A 32 21.97 22.83 -1.17
C ASP A 32 21.40 23.65 -0.01
N GLN A 33 21.42 24.96 -0.18
CA GLN A 33 20.75 25.88 0.73
C GLN A 33 19.35 26.16 0.21
N ALA A 34 18.39 26.21 1.13
CA ALA A 34 16.99 26.48 0.79
C ALA A 34 16.51 27.72 1.53
N SER A 35 15.69 28.52 0.85
CA SER A 35 15.11 29.73 1.44
C SER A 35 13.67 29.84 0.99
N ILE A 36 12.75 29.79 1.94
CA ILE A 36 11.32 29.87 1.68
C ILE A 36 10.79 31.17 2.28
N SER A 37 10.01 31.92 1.51
CA SER A 37 9.52 33.22 1.93
C SER A 37 8.01 33.19 2.13
N CYS A 38 7.55 33.87 3.17
CA CYS A 38 6.12 33.97 3.47
C CYS A 38 5.80 35.44 3.72
N ARG A 39 4.87 35.98 2.94
CA ARG A 39 4.46 37.37 3.04
C ARG A 39 3.01 37.43 3.53
N SER A 40 2.78 38.24 4.55
CA SER A 40 1.44 38.43 5.12
C SER A 40 0.81 39.70 4.57
N SER A 41 -0.52 39.67 4.44
CA SER A 41 -1.24 40.83 3.91
C SER A 41 -1.31 41.97 4.91
N GLN A 42 -1.06 41.71 6.19
CA GLN A 42 -1.06 42.74 7.21
C GLN A 42 -0.14 42.31 8.34
N SER A 43 -0.02 43.16 9.34
CA SER A 43 0.81 42.85 10.50
C SER A 43 0.21 41.67 11.28
N ILE A 44 1.08 40.74 11.68
CA ILE A 44 0.62 39.57 12.41
C ILE A 44 1.22 39.57 13.81
N VAL A 45 1.23 40.73 14.45
CA VAL A 45 1.61 40.84 15.86
C VAL A 45 0.35 40.65 16.68
N HIS A 46 0.35 39.63 17.55
CA HIS A 46 -0.77 39.40 18.44
C HIS A 46 -0.94 40.60 19.38
N SER A 47 -2.13 40.69 19.97
CA SER A 47 -2.41 41.78 20.91
C SER A 47 -1.46 41.75 22.10
N ASN A 48 -0.94 40.57 22.46
CA ASN A 48 -0.01 40.46 23.57
C ASN A 48 1.42 40.82 23.19
N GLY A 49 1.66 41.28 21.96
CA GLY A 49 2.96 41.69 21.53
C GLY A 49 3.77 40.63 20.81
N ASN A 50 3.38 39.37 20.89
CA ASN A 50 4.12 38.29 20.25
C ASN A 50 3.65 38.10 18.82
N THR A 51 4.56 37.64 17.97
CA THR A 51 4.28 37.34 16.57
C THR A 51 4.26 35.83 16.40
N TYR A 52 3.07 35.26 16.24
CA TYR A 52 2.90 33.81 16.18
C TYR A 52 3.01 33.28 14.75
N LEU A 53 4.11 33.63 14.09
CA LEU A 53 4.44 33.07 12.80
C LEU A 53 5.08 31.70 13.01
N GLU A 54 4.50 30.67 12.41
CA GLU A 54 4.97 29.30 12.58
C GLU A 54 5.22 28.67 11.22
N TRP A 55 6.18 27.73 11.19
CA TRP A 55 6.53 27.00 9.99
C TRP A 55 6.24 25.52 10.22
N TYR A 56 5.50 24.91 9.30
CA TYR A 56 5.17 23.50 9.35
C TYR A 56 5.76 22.78 8.15
N LEU A 57 6.08 21.50 8.35
CA LEU A 57 6.59 20.65 7.27
C LEU A 57 5.72 19.41 7.20
N GLN A 58 5.13 19.18 6.02
CA GLN A 58 4.35 17.97 5.77
C GLN A 58 5.16 17.05 4.88
N LYS A 59 5.64 15.95 5.46
CA LYS A 59 6.31 14.93 4.67
C LYS A 59 5.29 14.10 3.91
N PRO A 60 5.68 13.52 2.77
CA PRO A 60 4.72 12.76 1.95
C PRO A 60 4.05 11.65 2.74
N GLY A 61 2.72 11.69 2.77
CA GLY A 61 1.94 10.66 3.44
C GLY A 61 1.77 10.83 4.93
N GLN A 62 2.16 11.97 5.49
CA GLN A 62 2.11 12.19 6.93
C GLN A 62 1.41 13.51 7.23
N SER A 63 1.02 13.67 8.49
CA SER A 63 0.41 14.91 8.94
C SER A 63 1.47 16.00 9.07
N PRO A 64 1.06 17.26 9.00
CA PRO A 64 2.02 18.36 9.18
C PRO A 64 2.64 18.32 10.57
N LYS A 65 3.88 18.79 10.65
CA LYS A 65 4.64 18.81 11.90
C LYS A 65 5.24 20.18 12.12
N LEU A 66 5.15 20.66 13.36
CA LEU A 66 5.64 22.00 13.69
C LEU A 66 7.16 22.00 13.77
N LEU A 67 7.78 22.97 13.10
CA LEU A 67 9.23 23.14 13.09
C LEU A 67 9.67 24.41 13.78
N ILE A 68 9.10 25.56 13.41
CA ILE A 68 9.48 26.85 13.96
C ILE A 68 8.24 27.48 14.57
N TYR A 69 8.40 28.04 15.78
CA TYR A 69 7.34 28.77 16.45
C TYR A 69 7.85 30.15 16.82
N LYS A 70 6.94 31.12 16.81
CA LYS A 70 7.26 32.51 17.13
C LYS A 70 8.42 33.02 16.26
N VAL A 71 8.22 32.91 14.95
CA VAL A 71 9.10 33.47 13.92
C VAL A 71 10.45 32.75 13.87
N SER A 72 11.19 32.74 14.98
CA SER A 72 12.59 32.36 14.94
C SER A 72 12.99 31.23 15.88
N ASN A 73 12.06 30.67 16.66
CA ASN A 73 12.39 29.66 17.65
C ASN A 73 12.15 28.27 17.09
N ARG A 74 13.14 27.38 17.26
CA ARG A 74 13.02 26.01 16.79
C ARG A 74 12.26 25.18 17.83
N PHE A 75 11.31 24.38 17.36
CA PHE A 75 10.59 23.49 18.27
C PHE A 75 11.52 22.36 18.73
N SER A 76 11.05 21.61 19.73
CA SER A 76 11.86 20.55 20.30
C SER A 76 12.15 19.47 19.25
N GLY A 77 13.41 19.04 19.20
CA GLY A 77 13.82 18.01 18.27
C GLY A 77 14.09 18.49 16.87
N VAL A 78 14.06 19.79 16.62
CA VAL A 78 14.29 20.35 15.29
C VAL A 78 15.77 20.65 15.16
N PRO A 79 16.47 20.08 14.17
CA PRO A 79 17.91 20.32 14.05
C PRO A 79 18.22 21.77 13.72
N ASP A 80 19.41 22.22 14.13
CA ASP A 80 19.78 23.62 14.03
C ASP A 80 20.03 24.08 12.60
N ARG A 81 19.95 23.18 11.60
CA ARG A 81 20.04 23.64 10.22
C ARG A 81 18.79 24.38 9.76
N PHE A 82 17.71 24.31 10.54
CA PHE A 82 16.51 25.09 10.26
C PHE A 82 16.62 26.45 10.97
N SER A 83 16.33 27.52 10.24
CA SER A 83 16.40 28.86 10.78
C SER A 83 15.23 29.68 10.29
N GLY A 84 14.60 30.41 11.19
CA GLY A 84 13.48 31.27 10.86
C GLY A 84 13.79 32.71 11.23
N SER A 85 13.34 33.64 10.39
CA SER A 85 13.58 35.05 10.61
C SER A 85 12.47 35.85 9.93
N GLY A 86 12.50 37.16 10.16
CA GLY A 86 11.57 38.07 9.53
C GLY A 86 10.90 38.98 10.54
N SER A 87 10.23 40.00 10.00
CA SER A 87 9.47 40.95 10.79
C SER A 87 8.54 41.71 9.86
N GLY A 88 7.56 42.38 10.45
CA GLY A 88 6.58 43.11 9.66
C GLY A 88 5.69 42.22 8.84
N THR A 89 5.86 42.24 7.52
CA THR A 89 5.06 41.43 6.60
C THR A 89 5.88 40.41 5.83
N ASP A 90 7.18 40.29 6.11
CA ASP A 90 8.05 39.40 5.36
C ASP A 90 8.78 38.49 6.32
N PHE A 91 8.61 37.18 6.13
CA PHE A 91 9.24 36.17 6.97
C PHE A 91 9.91 35.13 6.09
N THR A 92 10.99 34.53 6.60
CA THR A 92 11.81 33.62 5.81
C THR A 92 12.20 32.41 6.64
N LEU A 93 12.08 31.23 6.05
CA LEU A 93 12.59 30.00 6.61
C LEU A 93 13.79 29.55 5.79
N LYS A 94 14.89 29.21 6.46
CA LYS A 94 16.12 28.84 5.78
C LYS A 94 16.60 27.47 6.24
N ILE A 95 16.97 26.63 5.29
CA ILE A 95 17.64 25.36 5.54
C ILE A 95 19.08 25.52 5.08
N SER A 96 20.02 25.44 6.01
CA SER A 96 21.43 25.65 5.68
C SER A 96 21.91 24.62 4.67
N ARG A 97 21.73 23.34 4.99
CA ARG A 97 22.13 22.24 4.11
C ARG A 97 20.97 21.26 4.02
N VAL A 98 20.38 21.13 2.83
CA VAL A 98 19.19 20.31 2.67
C VAL A 98 19.56 18.84 2.75
N GLU A 99 18.84 18.10 3.59
CA GLU A 99 18.98 16.65 3.69
C GLU A 99 17.74 15.97 3.11
N ALA A 100 17.83 14.65 2.97
CA ALA A 100 16.71 13.89 2.43
C ALA A 100 15.48 13.95 3.32
N GLU A 101 15.68 14.00 4.64
CA GLU A 101 14.56 14.05 5.57
C GLU A 101 13.82 15.38 5.54
N ASP A 102 14.39 16.41 4.92
CA ASP A 102 13.76 17.72 4.85
C ASP A 102 12.82 17.88 3.66
N LEU A 103 12.79 16.91 2.76
CA LEU A 103 11.95 17.03 1.57
C LEU A 103 10.48 16.93 1.95
N GLY A 104 9.66 17.77 1.32
CA GLY A 104 8.24 17.81 1.58
C GLY A 104 7.68 19.17 1.26
N VAL A 105 6.51 19.46 1.84
CA VAL A 105 5.82 20.73 1.65
C VAL A 105 5.94 21.53 2.94
N TYR A 106 6.36 22.78 2.82
CA TYR A 106 6.52 23.67 3.96
C TYR A 106 5.42 24.72 3.94
N TYR A 107 4.72 24.86 5.07
CA TYR A 107 3.64 25.82 5.22
C TYR A 107 4.01 26.84 6.28
N CYS A 108 3.78 28.12 5.99
CA CYS A 108 3.83 29.14 7.01
C CYS A 108 2.43 29.35 7.59
N PHE A 109 2.38 29.80 8.84
CA PHE A 109 1.12 29.86 9.56
C PHE A 109 1.15 31.03 10.53
N GLN A 110 0.05 31.76 10.60
CA GLN A 110 -0.10 32.86 11.55
C GLN A 110 -1.23 32.53 12.53
N GLY A 111 -0.96 32.74 13.81
CA GLY A 111 -1.96 32.53 14.84
C GLY A 111 -2.18 33.79 15.67
N SER A 112 -1.96 34.94 15.05
CA SER A 112 -2.08 36.21 15.75
C SER A 112 -3.46 36.85 15.61
N HIS A 113 -4.16 36.56 14.51
CA HIS A 113 -5.48 37.13 14.27
C HIS A 113 -6.43 36.04 13.81
N VAL A 114 -7.61 36.01 14.39
CA VAL A 114 -8.66 35.07 13.96
C VAL A 114 -9.24 35.56 12.64
N PRO A 115 -9.41 34.70 11.62
CA PRO A 115 -9.08 33.26 11.59
C PRO A 115 -7.60 32.99 11.38
N TYR A 116 -7.06 31.95 12.02
CA TYR A 116 -5.68 31.56 11.76
C TYR A 116 -5.57 31.00 10.35
N THR A 117 -4.57 31.47 9.60
CA THR A 117 -4.44 31.13 8.19
C THR A 117 -3.08 30.51 7.91
N PHE A 118 -3.05 29.61 6.93
CA PHE A 118 -1.84 28.97 6.46
C PHE A 118 -1.40 29.58 5.14
N GLY A 119 -0.12 29.43 4.84
CA GLY A 119 0.38 29.76 3.52
C GLY A 119 0.00 28.70 2.51
N GLY A 120 0.23 29.02 1.23
CA GLY A 120 -0.12 28.10 0.18
C GLY A 120 0.73 26.85 0.11
N GLY A 121 1.93 26.90 0.65
CA GLY A 121 2.81 25.73 0.67
C GLY A 121 3.95 25.86 -0.32
N THR A 122 5.10 25.31 0.06
CA THR A 122 6.29 25.30 -0.80
C THR A 122 6.83 23.88 -0.83
N LYS A 123 6.90 23.31 -2.03
CA LYS A 123 7.35 21.92 -2.20
C LYS A 123 8.85 21.91 -2.39
N LEU A 124 9.57 21.39 -1.40
CA LEU A 124 11.02 21.18 -1.50
C LEU A 124 11.24 19.80 -2.12
N GLU A 125 11.68 19.78 -3.39
CA GLU A 125 11.85 18.55 -4.13
C GLU A 125 13.25 18.48 -4.72
N ILE A 126 13.60 17.29 -5.20
CA ILE A 126 14.92 17.02 -5.74
C ILE A 126 14.95 17.40 -7.23
N LYS A 127 16.01 18.09 -7.63
CA LYS A 127 16.23 18.35 -9.05
C LYS A 127 16.48 17.04 -9.78
N ARG A 128 15.64 16.74 -10.76
CA ARG A 128 15.78 15.49 -11.52
C ARG A 128 16.61 15.64 -12.78
N GLY A 129 16.86 16.88 -13.23
CA GLY A 129 17.76 17.10 -14.36
C GLY A 129 17.31 16.36 -15.60
N SER A 130 18.28 15.76 -16.28
CA SER A 130 18.03 14.97 -17.48
C SER A 130 18.38 13.49 -17.33
N ASP A 131 19.35 13.17 -16.48
CA ASP A 131 19.72 11.79 -16.19
C ASP A 131 19.54 11.52 -14.70
N TYR A 132 19.21 10.28 -14.36
CA TYR A 132 18.94 9.91 -12.98
C TYR A 132 20.16 9.35 -12.27
N GLU A 133 21.34 9.89 -12.55
CA GLU A 133 22.56 9.50 -11.87
C GLU A 133 22.80 10.29 -10.59
N PHE A 134 21.97 11.28 -10.29
CA PHE A 134 22.11 12.00 -9.02
C PHE A 134 21.78 11.12 -7.82
N LEU A 135 21.02 10.05 -8.02
CA LEU A 135 20.77 9.09 -6.95
C LEU A 135 21.96 8.19 -6.69
N LYS A 136 23.00 8.25 -7.53
CA LYS A 136 24.21 7.48 -7.27
C LYS A 136 24.96 8.04 -6.06
N SER A 137 24.96 9.35 -5.89
CA SER A 137 25.59 9.97 -4.74
C SER A 137 24.78 9.84 -3.46
N TRP A 138 23.52 9.41 -3.57
CA TRP A 138 22.70 9.20 -2.39
C TRP A 138 23.17 7.97 -1.61
N THR A 139 22.83 7.92 -0.34
CA THR A 139 23.05 6.72 0.45
C THR A 139 21.86 5.78 0.31
N VAL A 140 22.11 4.49 0.55
CA VAL A 140 21.06 3.48 0.39
C VAL A 140 19.91 3.75 1.35
N GLU A 141 20.22 4.19 2.57
CA GLU A 141 19.17 4.43 3.56
C GLU A 141 18.25 5.58 3.14
N ASP A 142 18.81 6.64 2.53
CA ASP A 142 17.97 7.72 2.04
C ASP A 142 17.21 7.30 0.79
N LEU A 143 17.84 6.50 -0.06
CA LEU A 143 17.14 5.95 -1.22
C LEU A 143 15.99 5.05 -0.79
N GLN A 144 16.15 4.34 0.33
CA GLN A 144 15.09 3.47 0.82
C GLN A 144 13.94 4.27 1.42
N LYS A 145 14.26 5.39 2.08
CA LYS A 145 13.21 6.25 2.62
C LYS A 145 12.37 6.86 1.50
N ARG A 146 13.02 7.25 0.41
CA ARG A 146 12.29 7.75 -0.75
C ARG A 146 11.40 6.67 -1.34
N LEU A 147 11.88 5.43 -1.37
CA LEU A 147 11.07 4.32 -1.86
C LEU A 147 9.92 4.02 -0.91
N LEU A 148 10.17 4.03 0.40
CA LEU A 148 9.12 3.79 1.37
C LEU A 148 8.08 4.91 1.39
N ALA A 149 8.45 6.11 0.96
CA ALA A 149 7.51 7.23 0.96
C ALA A 149 6.58 7.19 -0.25
N LEU A 150 7.02 6.57 -1.36
CA LEU A 150 6.21 6.58 -2.58
C LEU A 150 4.94 5.75 -2.43
N ASP A 151 4.95 4.72 -1.57
CA ASP A 151 3.77 3.87 -1.45
C ASP A 151 2.59 4.60 -0.83
N PRO A 152 2.72 5.35 0.27
CA PRO A 152 1.57 6.12 0.77
C PRO A 152 1.06 7.16 -0.22
N MET A 153 1.95 7.76 -1.03
CA MET A 153 1.49 8.72 -2.03
C MET A 153 0.65 8.04 -3.11
N MET A 154 1.05 6.84 -3.53
CA MET A 154 0.29 6.12 -4.54
C MET A 154 -1.08 5.72 -4.02
N GLU A 155 -1.14 5.16 -2.81
CA GLU A 155 -2.42 4.73 -2.27
C GLU A 155 -3.34 5.90 -1.97
N GLN A 156 -2.78 7.08 -1.70
CA GLN A 156 -3.61 8.27 -1.57
C GLN A 156 -4.21 8.66 -2.91
N GLU A 157 -3.36 8.76 -3.95
CA GLU A 157 -3.86 9.08 -5.29
C GLU A 157 -4.87 8.04 -5.78
N ILE A 158 -4.71 6.79 -5.37
CA ILE A 158 -5.65 5.74 -5.76
C ILE A 158 -6.97 5.91 -5.02
N GLU A 159 -6.90 6.23 -3.72
CA GLU A 159 -8.12 6.40 -2.94
C GLU A 159 -8.93 7.61 -3.39
N GLU A 160 -8.26 8.67 -3.88
CA GLU A 160 -8.98 9.79 -4.45
C GLU A 160 -9.78 9.37 -5.69
N ILE A 161 -9.22 8.45 -6.49
CA ILE A 161 -9.94 7.92 -7.62
C ILE A 161 -11.14 7.11 -7.16
N ARG A 162 -10.95 6.30 -6.11
CA ARG A 162 -12.05 5.47 -5.61
C ARG A 162 -13.17 6.34 -5.03
N GLN A 163 -12.81 7.39 -4.29
CA GLN A 163 -13.83 8.28 -3.73
C GLN A 163 -14.52 9.07 -4.82
N LYS A 164 -13.80 9.42 -5.89
CA LYS A 164 -14.41 10.16 -6.99
C LYS A 164 -15.48 9.32 -7.68
N TYR A 165 -15.18 8.05 -7.95
CA TYR A 165 -16.13 7.21 -8.66
C TYR A 165 -17.31 6.83 -7.77
N GLN A 166 -17.12 6.79 -6.45
CA GLN A 166 -18.26 6.63 -5.56
C GLN A 166 -19.23 7.80 -5.67
N CYS A 167 -18.70 8.99 -5.94
CA CYS A 167 -19.54 10.16 -6.15
C CYS A 167 -20.20 10.18 -7.52
N LYS A 168 -19.70 9.38 -8.47
CA LYS A 168 -20.31 9.28 -9.78
C LYS A 168 -21.31 8.13 -9.89
N ARG A 169 -21.26 7.17 -8.98
CA ARG A 169 -22.16 6.03 -9.03
C ARG A 169 -23.51 6.35 -8.40
N GLN A 170 -23.50 7.14 -7.32
CA GLN A 170 -24.75 7.41 -6.60
C GLN A 170 -25.78 8.17 -7.44
N PRO A 171 -25.44 9.24 -8.16
CA PRO A 171 -26.46 9.89 -8.99
C PRO A 171 -27.00 9.00 -10.10
N ILE A 172 -26.24 7.98 -10.53
CA ILE A 172 -26.75 7.04 -11.52
C ILE A 172 -27.88 6.21 -10.90
N LEU A 173 -27.61 5.58 -9.76
CA LEU A 173 -28.62 4.75 -9.12
C LEU A 173 -29.85 5.57 -8.75
N ASP A 174 -29.66 6.81 -8.32
CA ASP A 174 -30.79 7.66 -8.00
C ASP A 174 -31.59 8.03 -9.25
N ALA A 175 -30.92 8.12 -10.40
CA ALA A 175 -31.61 8.43 -11.64
C ALA A 175 -32.45 7.25 -12.12
N ILE A 176 -31.86 6.05 -12.11
CA ILE A 176 -32.64 4.84 -12.37
C ILE A 176 -33.74 4.68 -11.33
N GLU A 177 -33.47 5.12 -10.09
CA GLU A 177 -34.45 5.02 -9.03
C GLU A 177 -35.67 5.90 -9.29
N ALA A 178 -35.44 7.13 -9.74
CA ALA A 178 -36.52 8.10 -9.95
C ALA A 178 -37.31 7.85 -11.22
N LYS A 179 -37.03 6.78 -11.95
CA LYS A 179 -37.76 6.48 -13.17
C LYS A 179 -39.12 5.88 -12.86
N GLU B 16 3.79 8.84 23.67
CA GLU B 16 2.48 8.37 24.13
C GLU B 16 1.37 9.33 23.70
N VAL B 17 1.75 10.55 23.33
CA VAL B 17 0.79 11.54 22.88
C VAL B 17 0.26 11.13 21.50
N LYS B 18 -1.04 10.90 21.41
CA LYS B 18 -1.65 10.41 20.18
C LYS B 18 -3.04 11.00 20.02
N LEU B 19 -3.35 11.42 18.79
CA LEU B 19 -4.69 11.87 18.43
C LEU B 19 -5.19 11.01 17.27
N GLU B 20 -6.41 10.47 17.43
CA GLU B 20 -6.96 9.53 16.46
C GLU B 20 -8.34 10.03 16.04
N GLU B 21 -8.48 10.37 14.76
CA GLU B 21 -9.74 10.83 14.21
C GLU B 21 -10.56 9.66 13.67
N SER B 22 -11.85 9.91 13.49
CA SER B 22 -12.78 8.92 12.97
C SER B 22 -14.09 9.61 12.61
N GLY B 23 -14.86 8.98 11.72
CA GLY B 23 -16.18 9.47 11.36
C GLY B 23 -16.31 9.98 9.95
N GLY B 24 -15.23 10.03 9.17
CA GLY B 24 -15.32 10.52 7.81
C GLY B 24 -15.99 9.51 6.88
N GLY B 25 -16.37 10.01 5.71
CA GLY B 25 -17.01 9.15 4.73
C GLY B 25 -17.59 9.97 3.59
N LEU B 26 -18.54 9.37 2.88
CA LEU B 26 -19.17 9.99 1.73
C LEU B 26 -20.46 10.69 2.15
N VAL B 27 -20.62 11.94 1.71
CA VAL B 27 -21.79 12.74 2.04
C VAL B 27 -22.37 13.30 0.75
N GLN B 28 -23.70 13.32 0.66
CA GLN B 28 -24.39 13.96 -0.45
C GLN B 28 -24.60 15.44 -0.16
N PRO B 29 -24.75 16.27 -1.19
CA PRO B 29 -24.79 17.72 -0.96
C PRO B 29 -25.93 18.12 -0.03
N GLY B 30 -25.58 18.86 1.02
CA GLY B 30 -26.52 19.26 2.03
C GLY B 30 -26.65 18.29 3.20
N GLY B 31 -25.84 17.24 3.23
CA GLY B 31 -25.93 16.24 4.27
C GLY B 31 -25.20 16.65 5.54
N SER B 32 -25.14 15.69 6.46
CA SER B 32 -24.53 15.91 7.78
C SER B 32 -23.53 14.81 8.07
N MET B 33 -22.68 15.07 9.07
CA MET B 33 -21.62 14.15 9.48
C MET B 33 -21.02 14.66 10.78
N LYS B 34 -20.61 13.73 11.64
CA LYS B 34 -20.00 14.06 12.92
C LYS B 34 -18.68 13.32 13.06
N LEU B 35 -17.59 14.07 13.17
CA LEU B 35 -16.28 13.49 13.37
C LEU B 35 -15.95 13.40 14.85
N SER B 36 -15.03 12.50 15.19
CA SER B 36 -14.60 12.29 16.57
C SER B 36 -13.08 12.13 16.60
N CYS B 37 -12.46 12.73 17.60
CA CYS B 37 -11.02 12.66 17.80
C CYS B 37 -10.74 12.32 19.26
N VAL B 38 -10.20 11.14 19.50
CA VAL B 38 -9.86 10.71 20.85
C VAL B 38 -8.39 11.06 21.12
N ALA B 39 -8.09 11.39 22.37
CA ALA B 39 -6.75 11.77 22.77
C ALA B 39 -6.19 10.79 23.78
N SER B 40 -4.87 10.67 23.80
CA SER B 40 -4.21 9.74 24.71
C SER B 40 -2.78 10.22 24.95
N GLY B 41 -2.28 9.93 26.16
CA GLY B 41 -0.92 10.26 26.51
C GLY B 41 -0.71 11.62 27.14
N PHE B 42 -1.78 12.38 27.40
CA PHE B 42 -1.65 13.68 28.04
C PHE B 42 -2.98 14.03 28.70
N THR B 43 -2.93 15.06 29.53
CA THR B 43 -4.11 15.54 30.24
C THR B 43 -4.96 16.33 29.24
N PHE B 44 -6.02 15.71 28.73
CA PHE B 44 -6.82 16.31 27.67
C PHE B 44 -7.52 17.58 28.14
N SER B 45 -7.97 17.60 29.39
CA SER B 45 -8.75 18.72 29.90
C SER B 45 -7.95 20.01 30.00
N ASN B 46 -6.62 19.96 29.89
CA ASN B 46 -5.78 21.14 30.06
C ASN B 46 -5.40 21.81 28.75
N TYR B 47 -5.74 21.23 27.61
CA TYR B 47 -5.23 21.68 26.32
C TYR B 47 -6.37 22.15 25.41
N TRP B 48 -6.14 23.27 24.73
CA TRP B 48 -7.03 23.69 23.66
C TRP B 48 -6.95 22.70 22.50
N MET B 49 -8.08 22.49 21.84
CA MET B 49 -8.16 21.59 20.69
C MET B 49 -8.69 22.33 19.49
N ASN B 50 -8.31 21.86 18.30
CA ASN B 50 -8.71 22.49 17.05
C ASN B 50 -9.11 21.42 16.04
N TRP B 51 -9.74 21.88 14.97
CA TRP B 51 -9.96 21.08 13.77
C TRP B 51 -9.36 21.84 12.59
N VAL B 52 -8.52 21.14 11.81
CA VAL B 52 -7.88 21.71 10.64
C VAL B 52 -8.13 20.78 9.47
N ARG B 53 -8.51 21.34 8.33
CA ARG B 53 -8.82 20.56 7.15
C ARG B 53 -7.88 20.93 6.00
N GLN B 54 -7.65 19.97 5.11
CA GLN B 54 -6.72 20.12 4.00
C GLN B 54 -7.38 19.63 2.72
N SER B 55 -7.31 20.45 1.67
CA SER B 55 -7.82 20.12 0.35
C SER B 55 -6.79 20.48 -0.70
N PRO B 56 -6.74 19.73 -1.80
CA PRO B 56 -5.76 20.05 -2.85
C PRO B 56 -5.97 21.43 -3.47
N GLU B 57 -7.17 21.98 -3.39
CA GLU B 57 -7.47 23.27 -3.99
C GLU B 57 -7.18 24.43 -3.05
N LYS B 58 -7.67 24.36 -1.81
CA LYS B 58 -7.57 25.46 -0.86
C LYS B 58 -6.41 25.30 0.11
N GLY B 59 -5.67 24.19 0.05
CA GLY B 59 -4.56 23.98 0.95
C GLY B 59 -4.97 23.63 2.36
N LEU B 60 -4.28 24.19 3.36
CA LEU B 60 -4.59 23.95 4.76
C LEU B 60 -5.49 25.06 5.28
N GLU B 61 -6.50 24.68 6.07
CA GLU B 61 -7.51 25.62 6.54
C GLU B 61 -7.88 25.28 7.98
N TRP B 62 -7.73 26.25 8.87
CA TRP B 62 -8.19 26.09 10.24
C TRP B 62 -9.71 26.21 10.28
N VAL B 63 -10.36 25.29 11.01
CA VAL B 63 -11.81 25.19 11.03
C VAL B 63 -12.39 25.73 12.33
N ALA B 64 -12.01 25.15 13.47
CA ALA B 64 -12.61 25.52 14.73
C ALA B 64 -11.60 25.39 15.85
N GLU B 65 -11.93 25.99 17.00
CA GLU B 65 -11.09 25.95 18.19
C GLU B 65 -12.00 25.89 19.40
N ILE B 66 -11.71 24.98 20.33
CA ILE B 66 -12.43 24.88 21.59
C ILE B 66 -11.44 25.04 22.73
N ARG B 67 -11.81 25.83 23.73
CA ARG B 67 -10.94 26.11 24.85
C ARG B 67 -11.33 25.22 26.04
N LEU B 68 -10.94 25.61 27.24
CA LEU B 68 -11.06 24.75 28.40
C LEU B 68 -12.37 25.02 29.15
N LYS B 69 -12.63 24.17 30.16
CA LYS B 69 -13.78 24.37 31.03
C LYS B 69 -13.69 25.69 31.78
N SER B 70 -12.48 26.12 32.13
CA SER B 70 -12.31 27.40 32.81
C SER B 70 -12.78 28.56 31.94
N ASN B 71 -12.67 28.41 30.62
CA ASN B 71 -13.15 29.42 29.68
C ASN B 71 -14.56 29.10 29.17
N ASN B 72 -15.33 28.33 29.94
CA ASN B 72 -16.71 27.96 29.58
C ASN B 72 -16.78 27.25 28.24
N TYR B 73 -15.74 26.48 27.91
CA TYR B 73 -15.68 25.74 26.65
C TYR B 73 -15.92 26.66 25.45
N ALA B 74 -15.30 27.84 25.50
CA ALA B 74 -15.51 28.84 24.45
C ALA B 74 -15.01 28.32 23.12
N THR B 75 -15.76 28.62 22.05
CA THR B 75 -15.46 28.13 20.71
C THR B 75 -15.26 29.29 19.76
N GLN B 76 -14.50 29.03 18.70
CA GLN B 76 -14.31 29.96 17.60
C GLN B 76 -14.33 29.17 16.30
N TYR B 77 -14.83 29.81 15.24
CA TYR B 77 -14.99 29.14 13.96
C TYR B 77 -14.51 30.06 12.84
N ALA B 78 -14.15 29.44 11.72
CA ALA B 78 -13.95 30.20 10.49
C ALA B 78 -15.30 30.58 9.90
N GLU B 79 -15.34 31.71 9.20
CA GLU B 79 -16.61 32.23 8.70
C GLU B 79 -17.26 31.29 7.70
N SER B 80 -16.46 30.56 6.92
CA SER B 80 -17.01 29.65 5.92
C SER B 80 -17.74 28.46 6.53
N VAL B 81 -17.67 28.28 7.85
CA VAL B 81 -18.27 27.13 8.51
C VAL B 81 -19.15 27.52 9.68
N LYS B 82 -19.28 28.80 9.99
CA LYS B 82 -20.08 29.23 11.14
C LYS B 82 -21.55 28.87 10.94
N TRP B 83 -22.20 28.46 12.04
CA TRP B 83 -23.59 28.04 12.07
C TRP B 83 -23.82 26.72 11.36
N ARG B 84 -22.84 26.25 10.59
CA ARG B 84 -22.90 24.93 9.97
C ARG B 84 -22.13 23.88 10.76
N PHE B 85 -20.95 24.21 11.27
CA PHE B 85 -20.16 23.28 12.05
C PHE B 85 -20.20 23.67 13.51
N THR B 86 -20.12 22.66 14.38
CA THR B 86 -20.12 22.87 15.83
C THR B 86 -19.05 21.98 16.44
N ILE B 87 -18.07 22.59 17.10
CA ILE B 87 -17.02 21.86 17.79
C ILE B 87 -17.41 21.68 19.26
N SER B 88 -17.08 20.52 19.81
CA SER B 88 -17.41 20.22 21.20
C SER B 88 -16.39 19.22 21.73
N ARG B 89 -16.35 19.10 23.06
CA ARG B 89 -15.40 18.21 23.70
C ARG B 89 -16.05 17.55 24.91
N ASP B 90 -15.53 16.37 25.26
CA ASP B 90 -15.90 15.67 26.49
C ASP B 90 -14.59 15.32 27.19
N ASP B 91 -14.29 16.04 28.28
CA ASP B 91 -13.04 15.81 28.98
C ASP B 91 -13.01 14.45 29.67
N SER B 92 -14.19 13.89 29.99
CA SER B 92 -14.22 12.59 30.65
C SER B 92 -13.82 11.47 29.69
N LYS B 93 -14.19 11.58 28.42
CA LYS B 93 -13.76 10.63 27.40
C LYS B 93 -12.50 11.07 26.66
N SER B 94 -11.93 12.22 27.03
CA SER B 94 -10.71 12.74 26.39
C SER B 94 -10.88 12.82 24.88
N SER B 95 -11.99 13.41 24.45
CA SER B 95 -12.35 13.44 23.04
C SER B 95 -12.89 14.80 22.66
N VAL B 96 -12.65 15.17 21.40
CA VAL B 96 -13.18 16.38 20.80
C VAL B 96 -13.90 16.00 19.52
N TYR B 97 -15.03 16.66 19.25
CA TYR B 97 -15.88 16.30 18.12
C TYR B 97 -16.14 17.51 17.24
N LEU B 98 -16.63 17.23 16.03
CA LEU B 98 -17.00 18.26 15.07
C LEU B 98 -18.26 17.81 14.34
N GLN B 99 -19.40 18.41 14.69
CA GLN B 99 -20.65 18.13 14.02
C GLN B 99 -20.78 19.04 12.79
N MET B 100 -21.01 18.43 11.63
CA MET B 100 -20.97 19.13 10.36
C MET B 100 -22.33 19.05 9.69
N ASN B 101 -22.93 20.21 9.42
CA ASN B 101 -24.25 20.30 8.80
C ASN B 101 -24.18 21.11 7.52
N ASN B 102 -25.15 20.86 6.64
CA ASN B 102 -25.21 21.43 5.29
C ASN B 102 -23.84 21.37 4.61
N LEU B 103 -23.31 20.15 4.53
CA LEU B 103 -22.03 19.95 3.88
C LEU B 103 -22.16 20.22 2.38
N ARG B 104 -21.17 20.91 1.84
CA ARG B 104 -21.09 21.22 0.42
C ARG B 104 -19.82 20.61 -0.15
N ALA B 105 -19.73 20.63 -1.49
CA ALA B 105 -18.57 20.06 -2.16
C ALA B 105 -17.28 20.75 -1.74
N GLU B 106 -17.35 22.04 -1.37
CA GLU B 106 -16.17 22.75 -0.92
C GLU B 106 -15.65 22.24 0.41
N ASP B 107 -16.48 21.56 1.20
CA ASP B 107 -16.07 21.03 2.50
C ASP B 107 -15.27 19.74 2.38
N THR B 108 -15.06 19.22 1.17
CA THR B 108 -14.34 17.97 0.99
C THR B 108 -12.86 18.14 1.33
N GLY B 109 -12.31 17.18 2.04
CA GLY B 109 -10.90 17.18 2.35
C GLY B 109 -10.59 16.27 3.51
N ILE B 110 -9.32 16.31 3.90
CA ILE B 110 -8.83 15.57 5.07
C ILE B 110 -8.98 16.47 6.29
N TYR B 111 -9.65 15.97 7.33
CA TYR B 111 -9.94 16.75 8.53
C TYR B 111 -9.02 16.27 9.65
N TYR B 112 -8.13 17.15 10.10
CA TYR B 112 -7.20 16.86 11.18
C TYR B 112 -7.72 17.44 12.48
N CYS B 113 -7.47 16.72 13.58
CA CYS B 113 -7.73 17.20 14.92
C CYS B 113 -6.39 17.50 15.59
N THR B 114 -6.21 18.74 16.05
CA THR B 114 -4.93 19.21 16.54
C THR B 114 -5.05 19.76 17.96
N ARG B 115 -3.92 19.76 18.65
CA ARG B 115 -3.82 20.27 20.02
C ARG B 115 -2.79 21.40 20.06
N ASP B 116 -3.09 22.45 20.82
CA ASP B 116 -2.17 23.56 20.98
C ASP B 116 -1.12 23.24 22.02
N TYR B 117 0.11 23.69 21.79
CA TYR B 117 1.18 23.49 22.77
C TYR B 117 0.85 24.20 24.08
N GLY B 118 0.32 25.41 24.00
CA GLY B 118 -0.10 26.14 25.17
C GLY B 118 0.92 27.18 25.59
N ASN B 119 0.71 27.69 26.81
CA ASN B 119 1.58 28.67 27.46
C ASN B 119 1.77 29.92 26.62
N TYR B 120 0.84 30.20 25.71
CA TYR B 120 0.93 31.35 24.81
C TYR B 120 2.26 31.35 24.05
N VAL B 121 2.70 30.17 23.65
CA VAL B 121 4.00 29.97 23.01
C VAL B 121 3.85 29.48 21.58
N ALA B 122 3.13 28.37 21.39
CA ALA B 122 3.01 27.76 20.07
C ALA B 122 1.64 27.13 19.93
N TYR B 123 1.31 26.75 18.70
CA TYR B 123 0.00 26.19 18.40
C TYR B 123 0.07 24.68 18.18
N PHE B 124 -0.26 24.24 16.96
CA PHE B 124 -0.45 22.82 16.69
C PHE B 124 0.85 22.03 16.75
N ASP B 125 1.17 21.49 17.92
CA ASP B 125 2.35 20.65 18.07
C ASP B 125 2.07 19.18 17.78
N TYR B 126 0.84 18.73 18.00
CA TYR B 126 0.45 17.34 17.76
C TYR B 126 -0.78 17.31 16.88
N TRP B 127 -0.67 16.60 15.76
CA TRP B 127 -1.78 16.36 14.85
C TRP B 127 -2.16 14.89 14.90
N GLY B 128 -3.36 14.59 14.38
CA GLY B 128 -3.78 13.22 14.19
C GLY B 128 -3.48 12.74 12.77
N GLN B 129 -3.86 11.50 12.51
CA GLN B 129 -3.66 10.94 11.18
C GLN B 129 -4.64 11.51 10.17
N GLY B 130 -5.77 12.03 10.61
CA GLY B 130 -6.74 12.66 9.72
C GLY B 130 -7.77 11.68 9.22
N THR B 131 -8.98 12.20 8.99
CA THR B 131 -10.06 11.44 8.38
C THR B 131 -10.56 12.20 7.16
N THR B 132 -11.08 11.46 6.19
CA THR B 132 -11.45 12.03 4.89
C THR B 132 -12.96 12.21 4.82
N VAL B 133 -13.38 13.41 4.41
CA VAL B 133 -14.79 13.75 4.23
C VAL B 133 -14.98 14.07 2.75
N THR B 134 -15.78 13.25 2.06
CA THR B 134 -16.03 13.41 0.64
C THR B 134 -17.49 13.81 0.45
N VAL B 135 -17.71 15.05 0.01
CA VAL B 135 -19.05 15.57 -0.26
C VAL B 135 -19.21 15.63 -1.77
N CYS B 136 -20.08 14.79 -2.32
CA CYS B 136 -20.31 14.76 -3.75
C CYS B 136 -20.96 16.05 -4.23
N SER B 137 -20.71 16.39 -5.49
CA SER B 137 -21.11 17.68 -6.02
C SER B 137 -22.62 17.76 -6.20
N GLY B 138 -23.19 16.83 -6.97
CA GLY B 138 -24.57 16.92 -7.37
C GLY B 138 -24.80 17.47 -8.76
N SER B 139 -23.74 17.59 -9.56
CA SER B 139 -23.90 18.10 -10.92
C SER B 139 -24.51 17.04 -11.84
N ASP B 140 -24.05 15.79 -11.72
CA ASP B 140 -24.60 14.72 -12.55
C ASP B 140 -26.06 14.45 -12.25
N TYR B 141 -26.54 14.86 -11.06
CA TYR B 141 -27.96 14.70 -10.74
C TYR B 141 -28.83 15.50 -11.70
N GLU B 142 -28.41 16.71 -12.03
CA GLU B 142 -29.16 17.59 -12.93
C GLU B 142 -28.78 17.39 -14.40
N PHE B 143 -28.14 16.26 -14.73
CA PHE B 143 -27.76 15.95 -16.11
C PHE B 143 -28.11 14.52 -16.51
N LEU B 144 -28.07 13.55 -15.59
CA LEU B 144 -28.49 12.18 -15.87
C LEU B 144 -30.00 11.98 -15.71
N LYS B 145 -30.72 13.00 -15.23
CA LYS B 145 -32.16 12.85 -15.04
C LYS B 145 -32.89 12.75 -16.37
N SER B 146 -32.40 13.43 -17.40
CA SER B 146 -32.98 13.36 -18.73
C SER B 146 -32.51 12.14 -19.51
N TRP B 147 -31.68 11.29 -18.92
CA TRP B 147 -31.16 10.13 -19.61
C TRP B 147 -32.16 8.97 -19.59
N THR B 148 -32.00 8.07 -20.53
CA THR B 148 -32.81 6.86 -20.56
C THR B 148 -32.28 5.84 -19.56
N VAL B 149 -33.18 5.04 -19.00
CA VAL B 149 -32.79 4.04 -18.00
C VAL B 149 -31.81 3.04 -18.59
N GLU B 150 -31.95 2.72 -19.89
CA GLU B 150 -31.02 1.80 -20.53
C GLU B 150 -29.62 2.39 -20.60
N ASP B 151 -29.51 3.69 -20.85
CA ASP B 151 -28.19 4.33 -20.90
C ASP B 151 -27.63 4.57 -19.51
N LEU B 152 -28.49 4.76 -18.51
CA LEU B 152 -28.01 4.88 -17.14
C LEU B 152 -27.43 3.57 -16.63
N GLN B 153 -28.03 2.45 -17.04
CA GLN B 153 -27.51 1.15 -16.63
C GLN B 153 -26.19 0.83 -17.30
N LYS B 154 -26.04 1.18 -18.57
CA LYS B 154 -24.77 0.97 -19.26
C LYS B 154 -23.69 1.89 -18.71
N ARG B 155 -24.06 3.11 -18.31
CA ARG B 155 -23.10 4.02 -17.69
C ARG B 155 -22.65 3.49 -16.33
N LEU B 156 -23.57 2.88 -15.58
CA LEU B 156 -23.21 2.32 -14.28
C LEU B 156 -22.26 1.13 -14.44
N LEU B 157 -22.53 0.25 -15.41
CA LEU B 157 -21.69 -0.93 -15.59
C LEU B 157 -20.34 -0.60 -16.21
N ALA B 158 -20.17 0.60 -16.78
CA ALA B 158 -18.89 1.02 -17.33
C ALA B 158 -18.03 1.77 -16.32
N LEU B 159 -18.55 2.01 -15.10
CA LEU B 159 -17.80 2.77 -14.11
C LEU B 159 -16.57 2.00 -13.62
N ASP B 160 -16.75 0.71 -13.30
CA ASP B 160 -15.66 -0.07 -12.74
C ASP B 160 -14.47 -0.20 -13.69
N PRO B 161 -14.63 -0.55 -14.97
CA PRO B 161 -13.45 -0.56 -15.85
C PRO B 161 -12.86 0.83 -16.08
N MET B 162 -13.69 1.87 -16.07
CA MET B 162 -13.17 3.23 -16.18
C MET B 162 -12.29 3.58 -14.99
N MET B 163 -12.73 3.20 -13.78
CA MET B 163 -11.92 3.46 -12.59
C MET B 163 -10.63 2.65 -12.60
N GLU B 164 -10.70 1.40 -13.05
CA GLU B 164 -9.50 0.57 -13.10
C GLU B 164 -8.47 1.11 -14.08
N GLN B 165 -8.93 1.81 -15.12
CA GLN B 165 -7.98 2.39 -16.08
C GLN B 165 -7.20 3.53 -15.46
N GLU B 166 -7.88 4.43 -14.72
CA GLU B 166 -7.19 5.53 -14.07
C GLU B 166 -6.28 5.04 -12.94
N ILE B 167 -6.68 3.96 -12.25
CA ILE B 167 -5.86 3.44 -11.16
C ILE B 167 -4.58 2.83 -11.70
N GLU B 168 -4.66 2.08 -12.79
CA GLU B 168 -3.46 1.47 -13.38
C GLU B 168 -2.50 2.52 -13.91
N GLU B 169 -3.02 3.64 -14.41
CA GLU B 169 -2.15 4.73 -14.83
C GLU B 169 -1.32 5.26 -13.66
N ILE B 170 -1.95 5.37 -12.49
CA ILE B 170 -1.24 5.81 -11.29
C ILE B 170 -0.17 4.78 -10.90
N ARG B 171 -0.55 3.50 -10.93
CA ARG B 171 0.41 2.45 -10.60
C ARG B 171 1.55 2.42 -11.60
N GLN B 172 1.25 2.63 -12.88
CA GLN B 172 2.30 2.64 -13.90
C GLN B 172 3.20 3.86 -13.77
N LYS B 173 2.62 5.00 -13.38
CA LYS B 173 3.44 6.19 -13.12
C LYS B 173 4.39 5.94 -11.96
N TYR B 174 3.90 5.33 -10.88
CA TYR B 174 4.74 5.10 -9.71
C TYR B 174 5.78 4.00 -9.94
N GLN B 175 5.53 3.08 -10.87
CA GLN B 175 6.57 2.12 -11.24
C GLN B 175 7.74 2.84 -11.93
N SER B 176 7.43 3.82 -12.78
CA SER B 176 8.47 4.58 -13.45
C SER B 176 9.21 5.52 -12.51
N LYS B 177 8.64 5.82 -11.34
CA LYS B 177 9.34 6.61 -10.33
C LYS B 177 10.10 5.75 -9.33
N ARG B 178 9.79 4.46 -9.24
CA ARG B 178 10.48 3.55 -8.32
C ARG B 178 11.71 2.93 -8.95
N GLN B 179 11.66 2.63 -10.25
CA GLN B 179 12.78 1.96 -10.90
C GLN B 179 14.08 2.77 -10.86
N PRO B 180 14.11 4.08 -11.11
CA PRO B 180 15.37 4.81 -10.95
C PRO B 180 15.96 4.71 -9.57
N ILE B 181 15.12 4.73 -8.53
CA ILE B 181 15.60 4.52 -7.17
C ILE B 181 16.08 3.09 -7.00
N LEU B 182 15.21 2.12 -7.30
CA LEU B 182 15.55 0.71 -7.13
C LEU B 182 16.84 0.34 -7.85
N ASP B 183 17.06 0.94 -9.02
CA ASP B 183 18.30 0.71 -9.75
C ASP B 183 19.50 1.35 -9.05
N ALA B 184 19.27 2.39 -8.24
CA ALA B 184 20.38 3.04 -7.55
C ALA B 184 20.86 2.19 -6.38
N ILE B 185 19.94 1.63 -5.60
CA ILE B 185 20.35 0.72 -4.53
C ILE B 185 20.98 -0.54 -5.13
N GLU B 186 20.52 -0.96 -6.31
CA GLU B 186 21.11 -2.12 -6.95
C GLU B 186 22.56 -1.86 -7.35
N ALA B 187 22.85 -0.67 -7.88
CA ALA B 187 24.20 -0.33 -8.30
C ALA B 187 25.16 -0.16 -7.13
N LYS B 188 24.67 -0.24 -5.89
CA LYS B 188 25.54 -0.15 -4.72
C LYS B 188 26.08 -1.53 -4.35
N MET C 15 2.56 -44.90 -6.22
CA MET C 15 1.95 -43.78 -5.51
C MET C 15 2.79 -42.53 -5.67
N ASP C 16 2.21 -41.38 -5.32
CA ASP C 16 2.87 -40.10 -5.49
C ASP C 16 3.64 -39.70 -4.24
N VAL C 17 4.78 -39.05 -4.44
CA VAL C 17 5.66 -38.66 -3.34
C VAL C 17 5.16 -37.38 -2.70
N LEU C 18 5.26 -37.30 -1.38
CA LEU C 18 4.79 -36.17 -0.60
C LEU C 18 5.87 -35.76 0.39
N MET C 19 6.05 -34.44 0.57
CA MET C 19 7.11 -33.89 1.41
C MET C 19 6.52 -33.26 2.65
N THR C 20 7.13 -33.54 3.80
CA THR C 20 6.71 -32.98 5.09
C THR C 20 7.90 -32.25 5.70
N GLN C 21 7.70 -30.97 6.03
CA GLN C 21 8.77 -30.13 6.53
C GLN C 21 8.61 -29.90 8.04
N THR C 22 9.73 -30.03 8.76
CA THR C 22 9.76 -29.80 10.20
C THR C 22 10.85 -28.79 10.52
N PRO C 23 10.53 -27.73 11.28
CA PRO C 23 9.21 -27.39 11.81
C PRO C 23 8.43 -26.56 10.80
N LEU C 24 7.24 -26.07 11.17
CA LEU C 24 6.51 -25.13 10.33
C LEU C 24 6.89 -23.69 10.60
N SER C 25 7.70 -23.44 11.62
CA SER C 25 8.14 -22.09 11.96
C SER C 25 9.39 -22.20 12.82
N LEU C 26 10.47 -21.55 12.39
CA LEU C 26 11.75 -21.59 13.11
C LEU C 26 12.10 -20.18 13.58
N PRO C 27 11.81 -19.83 14.84
CA PRO C 27 12.24 -18.52 15.36
C PRO C 27 13.72 -18.55 15.70
N VAL C 28 14.46 -17.59 15.16
CA VAL C 28 15.90 -17.48 15.40
C VAL C 28 16.24 -16.00 15.61
N SER C 29 17.50 -15.76 15.94
CA SER C 29 18.06 -14.42 16.04
C SER C 29 19.17 -14.26 15.02
N LEU C 30 19.50 -13.01 14.71
CA LEU C 30 20.56 -12.72 13.74
C LEU C 30 21.89 -13.27 14.21
N GLY C 31 22.48 -14.16 13.42
CA GLY C 31 23.72 -14.80 13.76
C GLY C 31 23.59 -16.24 14.22
N ASP C 32 22.37 -16.68 14.54
CA ASP C 32 22.16 -18.04 15.01
C ASP C 32 22.36 -19.04 13.87
N GLN C 33 22.39 -20.32 14.23
CA GLN C 33 22.41 -21.41 13.28
C GLN C 33 21.00 -22.01 13.17
N ALA C 34 20.58 -22.30 11.94
CA ALA C 34 19.26 -22.85 11.69
C ALA C 34 19.37 -24.20 11.01
N SER C 35 18.33 -25.00 11.16
CA SER C 35 18.28 -26.32 10.55
C SER C 35 16.84 -26.62 10.17
N ILE C 36 16.60 -26.90 8.88
CA ILE C 36 15.28 -27.22 8.36
C ILE C 36 15.30 -28.66 7.86
N SER C 37 14.29 -29.44 8.24
CA SER C 37 14.20 -30.83 7.86
C SER C 37 13.07 -31.03 6.87
N CYS C 38 13.32 -31.86 5.85
CA CYS C 38 12.31 -32.20 4.85
C CYS C 38 12.29 -33.71 4.68
N ARG C 39 11.10 -34.30 4.78
CA ARG C 39 10.92 -35.74 4.72
C ARG C 39 10.04 -36.09 3.53
N SER C 40 10.49 -37.04 2.72
CA SER C 40 9.72 -37.53 1.59
C SER C 40 9.03 -38.84 1.98
N SER C 41 7.80 -39.03 1.48
CA SER C 41 7.05 -40.23 1.82
C SER C 41 7.67 -41.47 1.20
N GLN C 42 8.28 -41.34 0.03
CA GLN C 42 8.96 -42.44 -0.65
C GLN C 42 10.37 -42.01 -1.01
N SER C 43 11.11 -42.92 -1.63
CA SER C 43 12.43 -42.59 -2.14
C SER C 43 12.30 -41.73 -3.38
N ILE C 44 13.13 -40.70 -3.47
CA ILE C 44 13.09 -39.78 -4.61
C ILE C 44 14.36 -39.91 -5.44
N VAL C 45 14.68 -41.13 -5.85
CA VAL C 45 15.79 -41.39 -6.75
C VAL C 45 15.23 -41.50 -8.15
N HIS C 46 15.61 -40.56 -9.02
CA HIS C 46 15.15 -40.58 -10.40
C HIS C 46 15.66 -41.82 -11.12
N SER C 47 15.04 -42.12 -12.25
CA SER C 47 15.46 -43.28 -13.05
C SER C 47 16.87 -43.14 -13.59
N ASN C 48 17.42 -41.92 -13.59
CA ASN C 48 18.80 -41.70 -14.04
C ASN C 48 19.81 -41.75 -12.90
N GLY C 49 19.37 -42.04 -11.68
CA GLY C 49 20.25 -42.15 -10.54
C GLY C 49 20.37 -40.92 -9.70
N ASN C 50 19.91 -39.76 -10.18
CA ASN C 50 20.03 -38.52 -9.44
C ASN C 50 18.84 -38.32 -8.52
N THR C 51 19.08 -37.63 -7.40
CA THR C 51 18.05 -37.28 -6.42
C THR C 51 17.77 -35.79 -6.58
N TYR C 52 16.65 -35.47 -7.23
CA TYR C 52 16.30 -34.09 -7.53
C TYR C 52 15.53 -33.46 -6.37
N LEU C 53 16.23 -33.35 -5.24
CA LEU C 53 15.73 -32.65 -4.06
C LEU C 53 16.23 -31.23 -4.09
N GLU C 54 15.29 -30.27 -4.12
CA GLU C 54 15.63 -28.86 -4.24
C GLU C 54 15.07 -28.08 -3.06
N TRP C 55 15.77 -27.01 -2.70
CA TRP C 55 15.36 -26.09 -1.65
C TRP C 55 15.10 -24.72 -2.26
N TYR C 56 13.94 -24.14 -1.96
CA TYR C 56 13.56 -22.82 -2.44
C TYR C 56 13.36 -21.89 -1.26
N LEU C 57 13.61 -20.60 -1.48
CA LEU C 57 13.38 -19.57 -0.49
C LEU C 57 12.50 -18.49 -1.10
N GLN C 58 11.39 -18.18 -0.43
CA GLN C 58 10.48 -17.12 -0.85
C GLN C 58 10.58 -16.00 0.18
N LYS C 59 11.31 -14.95 -0.16
CA LYS C 59 11.36 -13.78 0.70
C LYS C 59 10.02 -13.06 0.67
N PRO C 60 9.67 -12.34 1.75
CA PRO C 60 8.37 -11.65 1.80
C PRO C 60 8.10 -10.74 0.60
N GLY C 61 7.04 -11.04 -0.15
CA GLY C 61 6.62 -10.23 -1.26
C GLY C 61 7.24 -10.57 -2.60
N GLN C 62 8.14 -11.54 -2.65
CA GLN C 62 8.86 -11.89 -3.86
C GLN C 62 8.45 -13.27 -4.36
N SER C 63 8.89 -13.59 -5.58
CA SER C 63 8.73 -14.93 -6.13
C SER C 63 9.78 -15.86 -5.53
N PRO C 64 9.50 -17.16 -5.48
CA PRO C 64 10.47 -18.09 -4.90
C PRO C 64 11.76 -18.12 -5.70
N LYS C 65 12.85 -18.43 -4.99
CA LYS C 65 14.18 -18.49 -5.58
C LYS C 65 14.84 -19.82 -5.25
N LEU C 66 15.50 -20.41 -6.24
CA LEU C 66 16.16 -21.70 -6.07
C LEU C 66 17.48 -21.51 -5.33
N LEU C 67 17.66 -22.29 -4.26
CA LEU C 67 18.89 -22.25 -3.47
C LEU C 67 19.75 -23.50 -3.68
N ILE C 68 19.22 -24.67 -3.37
CA ILE C 68 19.96 -25.93 -3.43
C ILE C 68 19.30 -26.81 -4.48
N TYR C 69 20.13 -27.43 -5.32
CA TYR C 69 19.66 -28.42 -6.29
C TYR C 69 20.45 -29.71 -6.10
N LYS C 70 19.81 -30.83 -6.42
CA LYS C 70 20.40 -32.16 -6.26
C LYS C 70 20.94 -32.35 -4.84
N VAL C 71 20.08 -32.08 -3.87
CA VAL C 71 20.30 -32.37 -2.45
C VAL C 71 21.34 -31.45 -1.82
N SER C 72 22.50 -31.28 -2.46
CA SER C 72 23.64 -30.66 -1.79
C SER C 72 24.37 -29.61 -2.62
N ASN C 73 23.88 -29.24 -3.79
CA ASN C 73 24.59 -28.32 -4.67
C ASN C 73 23.99 -26.92 -4.56
N ARG C 74 24.85 -25.94 -4.30
CA ARG C 74 24.43 -24.55 -4.24
C ARG C 74 24.24 -23.99 -5.65
N PHE C 75 23.08 -23.39 -5.89
CA PHE C 75 22.84 -22.75 -7.16
C PHE C 75 23.65 -21.46 -7.27
N SER C 76 23.64 -20.87 -8.46
CA SER C 76 24.38 -19.64 -8.70
C SER C 76 23.87 -18.52 -7.80
N GLY C 77 24.79 -17.90 -7.06
CA GLY C 77 24.45 -16.80 -6.18
C GLY C 77 24.12 -17.17 -4.75
N VAL C 78 24.15 -18.46 -4.42
CA VAL C 78 23.82 -18.92 -3.08
C VAL C 78 25.09 -18.89 -2.24
N PRO C 79 25.10 -18.20 -1.09
CA PRO C 79 26.33 -18.13 -0.29
C PRO C 79 26.64 -19.44 0.41
N ASP C 80 27.88 -19.54 0.89
CA ASP C 80 28.37 -20.77 1.49
C ASP C 80 27.67 -21.11 2.81
N ARG C 81 27.05 -20.13 3.47
CA ARG C 81 26.38 -20.41 4.73
C ARG C 81 25.19 -21.35 4.56
N PHE C 82 24.68 -21.48 3.33
CA PHE C 82 23.65 -22.47 3.03
C PHE C 82 24.30 -23.81 2.70
N SER C 83 23.74 -24.88 3.25
CA SER C 83 24.26 -26.22 3.00
C SER C 83 23.10 -27.21 3.03
N GLY C 84 23.09 -28.11 2.05
CA GLY C 84 22.07 -29.13 1.94
C GLY C 84 22.65 -30.51 2.09
N SER C 85 21.91 -31.40 2.77
CA SER C 85 22.35 -32.76 2.99
C SER C 85 21.13 -33.67 3.02
N GLY C 86 21.37 -34.96 2.88
CA GLY C 86 20.31 -35.94 2.96
C GLY C 86 20.55 -37.11 2.03
N SER C 87 19.78 -38.16 2.27
CA SER C 87 19.86 -39.37 1.46
C SER C 87 18.62 -40.22 1.72
N GLY C 88 17.94 -40.63 0.65
CA GLY C 88 16.78 -41.49 0.78
C GLY C 88 15.48 -40.74 1.00
N THR C 89 15.07 -40.60 2.27
CA THR C 89 13.82 -39.93 2.59
C THR C 89 13.98 -38.77 3.58
N ASP C 90 15.19 -38.55 4.10
CA ASP C 90 15.45 -37.51 5.09
C ASP C 90 16.43 -36.52 4.50
N PHE C 91 16.04 -35.23 4.47
CA PHE C 91 16.84 -34.20 3.86
C PHE C 91 16.84 -32.96 4.74
N THR C 92 17.97 -32.26 4.77
CA THR C 92 18.21 -31.19 5.73
C THR C 92 18.85 -29.99 5.05
N LEU C 93 18.33 -28.81 5.36
CA LEU C 93 18.92 -27.54 4.95
C LEU C 93 19.42 -26.82 6.19
N LYS C 94 20.67 -26.34 6.14
CA LYS C 94 21.31 -25.71 7.28
C LYS C 94 21.87 -24.35 6.88
N ILE C 95 21.73 -23.38 7.78
CA ILE C 95 22.26 -22.04 7.61
C ILE C 95 23.24 -21.79 8.75
N SER C 96 24.49 -21.46 8.40
CA SER C 96 25.53 -21.34 9.42
C SER C 96 25.34 -20.09 10.27
N ARG C 97 25.12 -18.94 9.63
CA ARG C 97 24.93 -17.67 10.33
C ARG C 97 23.72 -16.96 9.69
N VAL C 98 22.56 -17.08 10.34
CA VAL C 98 21.33 -16.53 9.79
C VAL C 98 21.44 -15.01 9.71
N GLU C 99 21.34 -14.48 8.51
CA GLU C 99 21.31 -13.04 8.29
C GLU C 99 19.87 -12.59 8.01
N ALA C 100 19.67 -11.28 8.01
CA ALA C 100 18.34 -10.73 7.76
C ALA C 100 17.83 -11.09 6.38
N GLU C 101 18.73 -11.18 5.39
CA GLU C 101 18.33 -11.53 4.03
C GLU C 101 17.91 -12.99 3.90
N ASP C 102 18.12 -13.81 4.93
CA ASP C 102 17.71 -15.21 4.88
C ASP C 102 16.32 -15.45 5.45
N LEU C 103 15.67 -14.43 6.01
CA LEU C 103 14.36 -14.60 6.59
C LEU C 103 13.31 -14.75 5.50
N GLY C 104 12.40 -15.69 5.70
CA GLY C 104 11.36 -15.97 4.72
C GLY C 104 10.83 -17.39 4.91
N VAL C 105 10.22 -17.91 3.86
CA VAL C 105 9.64 -19.25 3.85
C VAL C 105 10.50 -20.14 2.96
N TYR C 106 10.95 -21.27 3.51
CA TYR C 106 11.76 -22.22 2.79
C TYR C 106 10.93 -23.44 2.42
N TYR C 107 10.92 -23.78 1.13
CA TYR C 107 10.22 -24.94 0.63
C TYR C 107 11.23 -25.95 0.10
N CYS C 108 10.99 -27.22 0.41
CA CYS C 108 11.71 -28.31 -0.25
C CYS C 108 10.85 -28.87 -1.38
N PHE C 109 11.52 -29.42 -2.39
CA PHE C 109 10.84 -29.79 -3.62
C PHE C 109 11.51 -31.00 -4.22
N GLN C 110 10.70 -31.92 -4.75
CA GLN C 110 11.20 -33.12 -5.41
C GLN C 110 10.77 -33.10 -6.87
N GLY C 111 11.72 -33.40 -7.76
CA GLY C 111 11.43 -33.49 -9.18
C GLY C 111 11.85 -34.83 -9.72
N SER C 112 12.09 -35.78 -8.82
CA SER C 112 12.53 -37.12 -9.22
C SER C 112 11.37 -37.96 -9.76
N HIS C 113 10.17 -37.77 -9.22
CA HIS C 113 9.01 -38.57 -9.60
C HIS C 113 7.84 -37.65 -9.88
N VAL C 114 7.18 -37.88 -11.00
CA VAL C 114 6.01 -37.09 -11.40
C VAL C 114 4.78 -37.64 -10.69
N PRO C 115 3.94 -36.80 -10.07
CA PRO C 115 3.95 -35.33 -10.10
C PRO C 115 4.95 -34.69 -9.14
N TYR C 116 5.57 -33.59 -9.56
CA TYR C 116 6.47 -32.85 -8.69
C TYR C 116 5.67 -32.21 -7.55
N THR C 117 6.20 -32.29 -6.34
CA THR C 117 5.51 -31.82 -5.16
C THR C 117 6.43 -30.95 -4.31
N PHE C 118 5.83 -29.94 -3.68
CA PHE C 118 6.51 -29.06 -2.75
C PHE C 118 6.24 -29.49 -1.32
N GLY C 119 7.03 -28.94 -0.40
CA GLY C 119 6.80 -29.15 1.01
C GLY C 119 5.85 -28.11 1.59
N GLY C 120 5.45 -28.35 2.84
CA GLY C 120 4.57 -27.41 3.53
C GLY C 120 5.19 -26.04 3.76
N GLY C 121 6.52 -25.96 3.77
CA GLY C 121 7.20 -24.70 4.01
C GLY C 121 7.60 -24.52 5.45
N THR C 122 8.76 -23.89 5.68
CA THR C 122 9.24 -23.58 7.02
C THR C 122 9.55 -22.10 7.09
N LYS C 123 8.82 -21.38 7.94
CA LYS C 123 8.99 -19.93 8.05
C LYS C 123 10.18 -19.63 8.96
N LEU C 124 11.26 -19.12 8.37
CA LEU C 124 12.39 -18.63 9.14
C LEU C 124 12.08 -17.20 9.57
N GLU C 125 11.79 -17.01 10.86
CA GLU C 125 11.32 -15.73 11.36
C GLU C 125 12.17 -15.31 12.55
N ILE C 126 12.11 -14.01 12.85
CA ILE C 126 12.81 -13.49 14.02
C ILE C 126 12.06 -13.88 15.29
N LYS C 127 12.79 -13.90 16.40
CA LYS C 127 12.22 -14.25 17.69
C LYS C 127 11.49 -13.05 18.27
N ARG C 128 10.51 -13.34 19.13
CA ARG C 128 9.76 -12.30 19.82
C ARG C 128 9.43 -12.71 21.24
N PHE C 134 15.15 -7.72 20.88
CA PHE C 134 14.45 -6.81 19.98
C PHE C 134 15.28 -6.54 18.73
N LEU C 135 14.84 -5.58 17.94
CA LEU C 135 15.49 -5.26 16.67
C LEU C 135 16.68 -4.33 16.91
N LYS C 136 17.32 -4.46 18.07
CA LYS C 136 18.48 -3.67 18.45
C LYS C 136 19.63 -3.88 17.47
N SER C 137 20.24 -5.06 17.49
CA SER C 137 21.37 -5.36 16.62
C SER C 137 20.92 -5.50 15.17
N TRP C 138 20.40 -4.40 14.59
CA TRP C 138 19.85 -4.43 13.24
C TRP C 138 20.22 -3.15 12.53
N THR C 139 20.79 -3.26 11.34
CA THR C 139 21.12 -2.10 10.55
C THR C 139 19.85 -1.41 10.04
N VAL C 140 19.96 -0.10 9.81
CA VAL C 140 18.81 0.65 9.32
C VAL C 140 18.39 0.16 7.95
N GLU C 141 19.36 -0.16 7.08
CA GLU C 141 19.04 -0.65 5.75
C GLU C 141 18.26 -1.96 5.80
N ASP C 142 18.64 -2.86 6.72
CA ASP C 142 17.90 -4.11 6.87
C ASP C 142 16.51 -3.87 7.44
N LEU C 143 16.40 -2.96 8.41
CA LEU C 143 15.10 -2.64 8.98
C LEU C 143 14.20 -1.98 7.94
N GLN C 144 14.78 -1.12 7.09
CA GLN C 144 13.99 -0.47 6.06
C GLN C 144 13.65 -1.43 4.92
N LYS C 145 14.52 -2.42 4.66
CA LYS C 145 14.18 -3.44 3.68
C LYS C 145 13.01 -4.30 4.16
N ARG C 146 12.92 -4.53 5.47
CA ARG C 146 11.78 -5.25 6.02
C ARG C 146 10.49 -4.46 5.83
N LEU C 147 10.53 -3.16 6.11
CA LEU C 147 9.37 -2.32 5.86
C LEU C 147 9.07 -2.20 4.38
N LEU C 148 10.10 -2.22 3.53
CA LEU C 148 9.92 -2.09 2.10
C LEU C 148 9.17 -3.29 1.50
N ALA C 149 9.23 -4.45 2.15
CA ALA C 149 8.50 -5.62 1.68
C ALA C 149 7.08 -5.68 2.23
N LEU C 150 6.82 -5.07 3.38
CA LEU C 150 5.51 -5.17 4.01
C LEU C 150 4.43 -4.47 3.19
N ASP C 151 4.78 -3.38 2.50
CA ASP C 151 3.77 -2.64 1.73
C ASP C 151 3.22 -3.46 0.57
N PRO C 152 4.03 -4.15 -0.23
CA PRO C 152 3.45 -5.05 -1.23
C PRO C 152 2.65 -6.20 -0.63
N MET C 153 3.03 -6.67 0.57
CA MET C 153 2.25 -7.72 1.22
C MET C 153 0.88 -7.21 1.66
N MET C 154 0.84 -6.00 2.24
CA MET C 154 -0.43 -5.45 2.69
C MET C 154 -1.38 -5.21 1.52
N GLU C 155 -0.86 -4.64 0.43
CA GLU C 155 -1.68 -4.41 -0.75
C GLU C 155 -2.17 -5.72 -1.36
N GLN C 156 -1.37 -6.79 -1.22
CA GLN C 156 -1.80 -8.10 -1.70
C GLN C 156 -3.02 -8.60 -0.92
N GLU C 157 -2.98 -8.46 0.41
CA GLU C 157 -4.09 -8.90 1.22
C GLU C 157 -5.32 -8.00 1.03
N ILE C 158 -5.10 -6.69 0.91
CA ILE C 158 -6.21 -5.76 0.75
C ILE C 158 -6.88 -5.95 -0.59
N GLU C 159 -6.09 -6.16 -1.65
CA GLU C 159 -6.69 -6.39 -2.96
C GLU C 159 -7.47 -7.69 -3.02
N GLU C 160 -7.07 -8.68 -2.22
CA GLU C 160 -7.84 -9.92 -2.14
C GLU C 160 -9.23 -9.68 -1.55
N ILE C 161 -9.34 -8.73 -0.61
CA ILE C 161 -10.65 -8.35 -0.09
C ILE C 161 -11.44 -7.62 -1.16
N ARG C 162 -10.79 -6.73 -1.91
CA ARG C 162 -11.47 -5.98 -2.95
C ARG C 162 -12.02 -6.90 -4.02
N GLN C 163 -11.21 -7.86 -4.48
CA GLN C 163 -11.69 -8.83 -5.47
C GLN C 163 -12.78 -9.71 -4.89
N LYS C 164 -12.73 -9.98 -3.58
CA LYS C 164 -13.78 -10.77 -2.95
C LYS C 164 -15.12 -10.04 -2.98
N TYR C 165 -15.09 -8.72 -2.74
CA TYR C 165 -16.34 -7.96 -2.71
C TYR C 165 -16.83 -7.58 -4.09
N GLN C 166 -15.95 -7.51 -5.09
CA GLN C 166 -16.40 -7.39 -6.47
C GLN C 166 -17.15 -8.64 -6.91
N CYS C 167 -16.87 -9.79 -6.28
CA CYS C 167 -17.67 -10.98 -6.53
C CYS C 167 -19.09 -10.81 -6.02
N LYS C 168 -19.26 -10.14 -4.89
CA LYS C 168 -20.58 -9.91 -4.33
C LYS C 168 -21.28 -8.73 -5.00
N ARG C 169 -20.51 -7.77 -5.51
CA ARG C 169 -21.10 -6.57 -6.10
C ARG C 169 -21.65 -6.83 -7.49
N GLN C 170 -20.98 -7.70 -8.26
CA GLN C 170 -21.38 -7.90 -9.65
C GLN C 170 -22.80 -8.42 -9.84
N PRO C 171 -23.30 -9.40 -9.08
CA PRO C 171 -24.69 -9.81 -9.28
C PRO C 171 -25.71 -8.73 -8.96
N ILE C 172 -25.44 -7.90 -7.94
CA ILE C 172 -26.34 -6.79 -7.64
C ILE C 172 -26.37 -5.80 -8.79
N LEU C 173 -25.20 -5.48 -9.34
CA LEU C 173 -25.14 -4.58 -10.49
C LEU C 173 -25.79 -5.23 -11.71
N ASP C 174 -25.65 -6.54 -11.87
CA ASP C 174 -26.30 -7.24 -12.97
C ASP C 174 -27.81 -7.18 -12.85
N ALA C 175 -28.33 -7.28 -11.62
CA ALA C 175 -29.78 -7.23 -11.42
C ALA C 175 -30.32 -5.84 -11.72
N ILE C 176 -29.56 -4.80 -11.39
CA ILE C 176 -30.00 -3.44 -11.69
C ILE C 176 -30.01 -3.19 -13.20
N GLU C 177 -29.02 -3.74 -13.91
CA GLU C 177 -28.97 -3.57 -15.35
C GLU C 177 -30.05 -4.40 -16.06
N ALA C 178 -30.47 -5.51 -15.45
CA ALA C 178 -31.50 -6.34 -16.05
C ALA C 178 -32.87 -5.67 -16.03
N LYS C 179 -33.07 -4.68 -15.16
CA LYS C 179 -34.34 -3.98 -15.06
C LYS C 179 -34.64 -3.21 -16.35
N MET D 15 21.38 -9.06 -21.99
CA MET D 15 20.56 -10.27 -21.95
C MET D 15 20.01 -10.52 -20.54
N GLU D 16 18.93 -9.83 -20.20
CA GLU D 16 18.28 -9.96 -18.90
C GLU D 16 17.13 -10.97 -19.05
N VAL D 17 17.27 -12.12 -18.38
CA VAL D 17 16.22 -13.13 -18.42
C VAL D 17 15.00 -12.62 -17.65
N LYS D 18 13.85 -12.64 -18.30
CA LYS D 18 12.63 -12.11 -17.71
C LYS D 18 11.44 -12.94 -18.14
N LEU D 19 10.53 -13.18 -17.19
CA LEU D 19 9.26 -13.84 -17.43
C LEU D 19 8.15 -12.94 -16.92
N GLU D 20 7.13 -12.71 -17.75
CA GLU D 20 6.05 -11.78 -17.42
C GLU D 20 4.71 -12.45 -17.70
N GLU D 21 3.94 -12.68 -16.65
CA GLU D 21 2.62 -13.31 -16.75
C GLU D 21 1.53 -12.25 -16.82
N SER D 22 0.40 -12.64 -17.43
CA SER D 22 -0.75 -11.76 -17.55
C SER D 22 -1.98 -12.63 -17.80
N GLY D 23 -3.15 -12.00 -17.67
CA GLY D 23 -4.41 -12.65 -17.94
C GLY D 23 -5.22 -13.02 -16.71
N GLY D 24 -4.67 -12.86 -15.51
CA GLY D 24 -5.41 -13.18 -14.30
C GLY D 24 -6.48 -12.15 -14.00
N GLY D 25 -7.33 -12.50 -13.05
CA GLY D 25 -8.40 -11.60 -12.64
C GLY D 25 -9.55 -12.38 -12.02
N LEU D 26 -10.75 -11.82 -12.19
CA LEU D 26 -11.96 -12.41 -11.63
C LEU D 26 -12.61 -13.35 -12.64
N VAL D 27 -13.04 -14.51 -12.16
CA VAL D 27 -13.69 -15.51 -12.98
C VAL D 27 -14.81 -16.15 -12.18
N GLN D 28 -15.89 -16.52 -12.87
CA GLN D 28 -17.02 -17.16 -12.22
C GLN D 28 -16.75 -18.65 -12.05
N PRO D 29 -17.29 -19.28 -11.00
CA PRO D 29 -17.11 -20.72 -10.82
C PRO D 29 -17.61 -21.48 -12.04
N GLY D 30 -16.88 -22.54 -12.40
CA GLY D 30 -17.14 -23.26 -13.61
C GLY D 30 -16.73 -22.55 -14.88
N GLY D 31 -16.18 -21.35 -14.77
CA GLY D 31 -15.74 -20.58 -15.93
C GLY D 31 -14.36 -20.97 -16.39
N SER D 32 -13.85 -20.21 -17.37
CA SER D 32 -12.58 -20.49 -17.99
C SER D 32 -11.72 -19.23 -18.01
N MET D 33 -10.41 -19.43 -18.10
CA MET D 33 -9.45 -18.34 -18.18
C MET D 33 -8.13 -18.88 -18.72
N LYS D 34 -7.43 -18.06 -19.49
CA LYS D 34 -6.13 -18.40 -20.05
C LYS D 34 -5.10 -17.38 -19.64
N LEU D 35 -3.97 -17.85 -19.13
CA LEU D 35 -2.85 -16.99 -18.77
C LEU D 35 -1.79 -17.03 -19.87
N SER D 36 -1.02 -15.95 -19.95
CA SER D 36 0.04 -15.82 -20.94
C SER D 36 1.31 -15.36 -20.26
N CYS D 37 2.42 -16.03 -20.56
CA CYS D 37 3.72 -15.68 -20.00
C CYS D 37 4.70 -15.49 -21.14
N VAL D 38 5.20 -14.26 -21.31
CA VAL D 38 6.16 -13.95 -22.35
C VAL D 38 7.56 -14.02 -21.76
N ALA D 39 8.52 -14.45 -22.58
CA ALA D 39 9.89 -14.67 -22.14
C ALA D 39 10.84 -13.82 -22.96
N SER D 40 11.95 -13.43 -22.32
CA SER D 40 12.98 -12.63 -22.96
C SER D 40 14.31 -12.91 -22.28
N GLY D 41 15.40 -12.72 -23.02
CA GLY D 41 16.73 -12.89 -22.50
C GLY D 41 17.35 -14.25 -22.69
N PHE D 42 16.67 -15.16 -23.41
CA PHE D 42 17.21 -16.49 -23.65
C PHE D 42 16.46 -17.11 -24.83
N THR D 43 16.94 -18.28 -25.26
CA THR D 43 16.31 -19.02 -26.35
C THR D 43 15.15 -19.82 -25.75
N PHE D 44 13.94 -19.29 -25.92
CA PHE D 44 12.76 -19.89 -25.30
C PHE D 44 12.56 -21.33 -25.74
N SER D 45 12.83 -21.62 -27.01
CA SER D 45 12.58 -22.95 -27.56
C SER D 45 13.49 -24.01 -26.97
N ASN D 46 14.54 -23.63 -26.24
CA ASN D 46 15.50 -24.59 -25.71
C ASN D 46 15.19 -25.05 -24.28
N TYR D 47 14.20 -24.46 -23.62
CA TYR D 47 13.97 -24.69 -22.20
C TYR D 47 12.57 -25.24 -21.97
N TRP D 48 12.47 -26.16 -21.00
CA TRP D 48 11.17 -26.60 -20.51
C TRP D 48 10.50 -25.47 -19.74
N MET D 49 9.19 -25.37 -19.88
CA MET D 49 8.40 -24.37 -19.18
C MET D 49 7.47 -25.03 -18.18
N ASN D 50 7.08 -24.28 -17.16
CA ASN D 50 6.17 -24.78 -16.14
C ASN D 50 5.23 -23.67 -15.69
N TRP D 51 4.14 -24.08 -15.07
CA TRP D 51 3.25 -23.19 -14.34
C TRP D 51 3.18 -23.67 -12.89
N VAL D 52 3.46 -22.77 -11.96
CA VAL D 52 3.39 -23.06 -10.53
C VAL D 52 2.42 -22.06 -9.90
N ARG D 53 1.60 -22.55 -8.98
CA ARG D 53 0.58 -21.74 -8.35
C ARG D 53 0.78 -21.72 -6.83
N GLN D 54 0.30 -20.64 -6.20
CA GLN D 54 0.45 -20.45 -4.77
C GLN D 54 -0.88 -19.99 -4.18
N SER D 55 -1.32 -20.67 -3.14
CA SER D 55 -2.50 -20.30 -2.37
C SER D 55 -2.15 -20.27 -0.90
N PRO D 56 -2.85 -19.43 -0.11
CA PRO D 56 -2.58 -19.41 1.35
C PRO D 56 -2.73 -20.77 2.00
N GLU D 57 -3.56 -21.65 1.44
CA GLU D 57 -3.83 -22.95 2.05
C GLU D 57 -2.87 -24.02 1.58
N LYS D 58 -2.89 -24.32 0.27
CA LYS D 58 -2.07 -25.40 -0.26
C LYS D 58 -0.59 -25.02 -0.34
N GLY D 59 -0.28 -23.73 -0.41
CA GLY D 59 1.11 -23.32 -0.56
C GLY D 59 1.56 -23.37 -2.01
N LEU D 60 2.83 -23.70 -2.21
CA LEU D 60 3.37 -23.83 -3.56
C LEU D 60 2.97 -25.18 -4.14
N GLU D 61 2.46 -25.16 -5.38
CA GLU D 61 1.95 -26.36 -6.03
C GLU D 61 2.32 -26.30 -7.50
N TRP D 62 3.18 -27.22 -7.94
CA TRP D 62 3.48 -27.34 -9.36
C TRP D 62 2.23 -27.77 -10.11
N VAL D 63 1.92 -27.06 -11.19
CA VAL D 63 0.66 -27.26 -11.91
C VAL D 63 0.88 -28.02 -13.21
N ALA D 64 1.81 -27.58 -14.04
CA ALA D 64 1.99 -28.19 -15.35
C ALA D 64 3.44 -28.02 -15.82
N GLU D 65 3.80 -28.81 -16.83
CA GLU D 65 5.11 -28.76 -17.45
C GLU D 65 4.96 -29.06 -18.93
N ILE D 66 5.61 -28.26 -19.78
CA ILE D 66 5.64 -28.49 -21.21
C ILE D 66 7.09 -28.58 -21.65
N ARG D 67 7.37 -29.52 -22.56
CA ARG D 67 8.72 -29.79 -23.02
C ARG D 67 8.95 -29.11 -24.37
N LEU D 68 9.90 -29.62 -25.13
CA LEU D 68 10.39 -28.94 -26.33
C LEU D 68 9.75 -29.50 -27.60
N LYS D 69 10.07 -28.86 -28.72
CA LYS D 69 9.65 -29.36 -30.03
C LYS D 69 10.37 -30.64 -30.43
N SER D 70 11.32 -31.10 -29.62
CA SER D 70 11.95 -32.40 -29.84
C SER D 70 11.24 -33.53 -29.13
N ASN D 71 10.30 -33.22 -28.22
CA ASN D 71 9.61 -34.22 -27.41
C ASN D 71 8.10 -34.20 -27.66
N ASN D 72 7.69 -33.75 -28.85
CA ASN D 72 6.27 -33.62 -29.20
C ASN D 72 5.52 -32.70 -28.24
N TYR D 73 6.25 -31.73 -27.66
CA TYR D 73 5.68 -30.79 -26.70
C TYR D 73 4.96 -31.52 -25.57
N ALA D 74 5.62 -32.56 -25.05
CA ALA D 74 5.01 -33.42 -24.04
C ALA D 74 4.63 -32.63 -22.80
N THR D 75 3.43 -32.91 -22.28
CA THR D 75 2.88 -32.18 -21.14
C THR D 75 2.67 -33.13 -19.98
N GLN D 76 2.73 -32.57 -18.77
CA GLN D 76 2.47 -33.32 -17.54
C GLN D 76 1.83 -32.39 -16.53
N TYR D 77 0.85 -32.91 -15.80
CA TYR D 77 0.04 -32.09 -14.91
C TYR D 77 -0.06 -32.73 -13.54
N ALA D 78 -0.47 -31.93 -12.57
CA ALA D 78 -0.83 -32.45 -11.27
C ALA D 78 -2.20 -33.13 -11.35
N GLU D 79 -2.45 -34.05 -10.41
CA GLU D 79 -3.68 -34.82 -10.44
C GLU D 79 -4.92 -33.95 -10.23
N SER D 80 -4.77 -32.81 -9.54
CA SER D 80 -5.92 -31.97 -9.25
C SER D 80 -6.37 -31.15 -10.46
N VAL D 81 -5.51 -31.00 -11.48
CA VAL D 81 -5.81 -30.18 -12.63
C VAL D 81 -5.68 -30.94 -13.94
N LYS D 82 -5.33 -32.23 -13.91
CA LYS D 82 -4.97 -32.94 -15.14
C LYS D 82 -6.15 -33.04 -16.11
N TRP D 83 -7.38 -33.01 -15.60
CA TRP D 83 -8.56 -33.13 -16.45
C TRP D 83 -9.16 -31.79 -16.85
N ARG D 84 -8.68 -30.68 -16.29
CA ARG D 84 -9.24 -29.36 -16.56
C ARG D 84 -8.26 -28.38 -17.16
N PHE D 85 -6.97 -28.49 -16.83
CA PHE D 85 -5.97 -27.52 -17.26
C PHE D 85 -5.21 -28.05 -18.48
N THR D 86 -4.74 -27.12 -19.31
CA THR D 86 -3.98 -27.46 -20.50
C THR D 86 -2.85 -26.45 -20.68
N ILE D 87 -1.61 -26.92 -20.59
CA ILE D 87 -0.45 -26.08 -20.83
C ILE D 87 -0.06 -26.19 -22.29
N SER D 88 0.31 -25.06 -22.88
CA SER D 88 0.71 -25.01 -24.28
C SER D 88 1.74 -23.91 -24.45
N ARG D 89 2.45 -23.94 -25.58
CA ARG D 89 3.52 -22.98 -25.81
C ARG D 89 3.60 -22.65 -27.30
N ASP D 90 4.16 -21.48 -27.59
CA ASP D 90 4.37 -21.00 -28.95
C ASP D 90 5.78 -20.42 -29.01
N ASP D 91 6.72 -21.19 -29.56
CA ASP D 91 8.11 -20.75 -29.59
C ASP D 91 8.31 -19.53 -30.46
N SER D 92 7.49 -19.36 -31.51
CA SER D 92 7.63 -18.19 -32.37
C SER D 92 7.31 -16.90 -31.64
N LYS D 93 6.46 -16.97 -30.61
CA LYS D 93 6.15 -15.82 -29.78
C LYS D 93 6.88 -15.82 -28.45
N SER D 94 7.72 -16.83 -28.21
CA SER D 94 8.42 -17.01 -26.93
C SER D 94 7.45 -16.86 -25.75
N SER D 95 6.37 -17.64 -25.80
CA SER D 95 5.31 -17.55 -24.80
C SER D 95 4.83 -18.94 -24.43
N VAL D 96 4.44 -19.08 -23.16
CA VAL D 96 3.81 -20.30 -22.66
C VAL D 96 2.45 -19.92 -22.07
N TYR D 97 1.48 -20.81 -22.23
CA TYR D 97 0.10 -20.52 -21.85
C TYR D 97 -0.42 -21.59 -20.91
N LEU D 98 -1.43 -21.21 -20.12
CA LEU D 98 -2.15 -22.14 -19.26
C LEU D 98 -3.64 -21.89 -19.41
N GLN D 99 -4.33 -22.79 -20.10
CA GLN D 99 -5.78 -22.73 -20.23
C GLN D 99 -6.42 -23.47 -19.07
N MET D 100 -7.22 -22.77 -18.29
CA MET D 100 -7.91 -23.35 -17.14
C MET D 100 -9.40 -23.41 -17.43
N ASN D 101 -10.01 -24.56 -17.11
CA ASN D 101 -11.42 -24.78 -17.32
C ASN D 101 -12.03 -25.38 -16.07
N ASN D 102 -13.35 -25.20 -15.93
CA ASN D 102 -14.10 -25.73 -14.79
C ASN D 102 -13.49 -25.23 -13.47
N LEU D 103 -13.22 -23.94 -13.41
CA LEU D 103 -12.51 -23.37 -12.29
C LEU D 103 -13.35 -23.41 -11.02
N ARG D 104 -12.69 -23.71 -9.90
CA ARG D 104 -13.34 -23.77 -8.59
C ARG D 104 -12.56 -22.88 -7.63
N ALA D 105 -13.10 -22.73 -6.42
CA ALA D 105 -12.45 -21.89 -5.41
C ALA D 105 -11.07 -22.41 -5.03
N GLU D 106 -10.84 -23.71 -5.21
CA GLU D 106 -9.53 -24.28 -4.95
C GLU D 106 -8.45 -23.70 -5.85
N ASP D 107 -8.82 -23.18 -7.02
CA ASP D 107 -7.88 -22.65 -8.00
C ASP D 107 -7.51 -21.20 -7.74
N THR D 108 -8.09 -20.55 -6.74
CA THR D 108 -7.77 -19.16 -6.44
C THR D 108 -6.34 -19.06 -5.92
N GLY D 109 -5.56 -18.15 -6.49
CA GLY D 109 -4.22 -17.92 -6.02
C GLY D 109 -3.39 -17.20 -7.07
N ILE D 110 -2.09 -17.12 -6.79
CA ILE D 110 -1.11 -16.52 -7.69
C ILE D 110 -0.50 -17.62 -8.54
N TYR D 111 -0.41 -17.39 -9.84
CA TYR D 111 0.10 -18.37 -10.78
C TYR D 111 1.42 -17.86 -11.36
N TYR D 112 2.49 -18.61 -11.13
CA TYR D 112 3.82 -18.24 -11.61
C TYR D 112 4.17 -19.04 -12.86
N CYS D 113 4.79 -18.37 -13.82
CA CYS D 113 5.37 -19.02 -14.99
C CYS D 113 6.87 -19.18 -14.74
N THR D 114 7.34 -20.42 -14.74
CA THR D 114 8.72 -20.72 -14.40
C THR D 114 9.41 -21.43 -15.57
N ARG D 115 10.73 -21.33 -15.58
CA ARG D 115 11.58 -21.97 -16.58
C ARG D 115 12.53 -22.93 -15.87
N ASP D 116 12.76 -24.08 -16.50
CA ASP D 116 13.71 -25.05 -15.95
C ASP D 116 15.13 -24.66 -16.30
N TYR D 117 16.04 -24.83 -15.34
CA TYR D 117 17.44 -24.50 -15.59
C TYR D 117 18.01 -25.33 -16.73
N GLY D 118 17.60 -26.59 -16.83
CA GLY D 118 17.91 -27.41 -17.98
C GLY D 118 19.04 -28.38 -17.74
N ASN D 119 19.36 -29.12 -18.81
CA ASN D 119 20.45 -30.09 -18.83
C ASN D 119 20.28 -31.16 -17.75
N TYR D 120 19.03 -31.47 -17.39
CA TYR D 120 18.72 -32.52 -16.42
C TYR D 120 19.43 -32.29 -15.09
N VAL D 121 19.62 -31.02 -14.73
CA VAL D 121 20.37 -30.64 -13.54
C VAL D 121 19.44 -30.09 -12.46
N ALA D 122 18.70 -29.02 -12.76
CA ALA D 122 17.84 -28.37 -11.79
C ALA D 122 16.56 -27.92 -12.47
N TYR D 123 15.62 -27.41 -11.67
CA TYR D 123 14.32 -27.04 -12.18
C TYR D 123 14.13 -25.52 -12.21
N PHE D 124 13.21 -25.00 -11.40
CA PHE D 124 12.75 -23.63 -11.54
C PHE D 124 13.81 -22.62 -11.11
N ASP D 125 14.61 -22.14 -12.06
CA ASP D 125 15.64 -21.14 -11.77
C ASP D 125 15.13 -19.71 -11.99
N TYR D 126 14.16 -19.51 -12.88
CA TYR D 126 13.62 -18.19 -13.16
C TYR D 126 12.11 -18.22 -13.03
N TRP D 127 11.56 -17.33 -12.21
CA TRP D 127 10.13 -17.20 -12.03
C TRP D 127 9.67 -15.82 -12.50
N GLY D 128 8.42 -15.74 -12.94
CA GLY D 128 7.81 -14.47 -13.24
C GLY D 128 7.31 -13.79 -11.99
N GLN D 129 6.79 -12.56 -12.18
CA GLN D 129 6.22 -11.83 -11.05
C GLN D 129 4.91 -12.45 -10.58
N GLY D 130 4.23 -13.20 -11.42
CA GLY D 130 2.99 -13.86 -11.04
C GLY D 130 1.76 -13.03 -11.37
N THR D 131 0.69 -13.74 -11.72
CA THR D 131 -0.61 -13.12 -11.96
C THR D 131 -1.63 -13.76 -11.04
N THR D 132 -2.56 -12.96 -10.54
CA THR D 132 -3.51 -13.40 -9.52
C THR D 132 -4.80 -13.88 -10.18
N VAL D 133 -5.23 -15.08 -9.80
CA VAL D 133 -6.46 -15.70 -10.29
C VAL D 133 -7.43 -15.79 -9.13
N THR D 134 -8.57 -15.12 -9.24
CA THR D 134 -9.61 -15.15 -8.23
C THR D 134 -10.89 -15.66 -8.84
N VAL D 135 -11.43 -16.73 -8.26
CA VAL D 135 -12.70 -17.31 -8.70
C VAL D 135 -13.75 -17.05 -7.63
N CYS D 136 -14.95 -16.69 -8.06
CA CYS D 136 -16.02 -16.33 -7.14
C CYS D 136 -16.58 -17.59 -6.47
N SER D 137 -17.37 -17.37 -5.42
CA SER D 137 -18.07 -18.46 -4.77
C SER D 137 -19.18 -19.00 -5.67
N GLY D 138 -19.48 -20.29 -5.50
CA GLY D 138 -20.53 -20.91 -6.28
C GLY D 138 -21.91 -20.60 -5.75
N SER D 139 -22.18 -19.32 -5.51
CA SER D 139 -23.43 -18.88 -4.89
C SER D 139 -24.35 -18.35 -5.97
N ASP D 140 -25.60 -18.83 -5.97
CA ASP D 140 -26.59 -18.38 -6.94
C ASP D 140 -27.22 -17.07 -6.47
N TYR D 141 -27.22 -16.07 -7.37
CA TYR D 141 -27.79 -14.76 -7.06
C TYR D 141 -28.90 -14.38 -8.05
N GLU D 142 -29.50 -15.37 -8.71
CA GLU D 142 -30.59 -15.08 -9.64
C GLU D 142 -31.81 -14.52 -8.91
N PHE D 143 -31.95 -14.78 -7.62
CA PHE D 143 -33.06 -14.23 -6.85
C PHE D 143 -33.03 -12.71 -6.80
N LEU D 144 -31.85 -12.10 -7.00
CA LEU D 144 -31.74 -10.65 -6.96
C LEU D 144 -32.49 -9.97 -8.11
N LYS D 145 -32.71 -10.68 -9.22
CA LYS D 145 -33.49 -10.12 -10.32
C LYS D 145 -34.94 -9.87 -9.94
N SER D 146 -35.42 -10.44 -8.84
CA SER D 146 -36.76 -10.15 -8.34
C SER D 146 -36.80 -8.95 -7.41
N TRP D 147 -35.66 -8.49 -6.92
CA TRP D 147 -35.62 -7.37 -5.99
C TRP D 147 -35.90 -6.06 -6.72
N THR D 148 -36.36 -5.08 -5.95
CA THR D 148 -36.53 -3.74 -6.48
C THR D 148 -35.18 -3.03 -6.53
N VAL D 149 -35.09 -2.02 -7.41
CA VAL D 149 -33.86 -1.25 -7.52
C VAL D 149 -33.57 -0.53 -6.20
N GLU D 150 -34.61 -0.18 -5.45
CA GLU D 150 -34.43 0.33 -4.09
C GLU D 150 -33.61 -0.64 -3.26
N ASP D 151 -34.07 -1.89 -3.16
CA ASP D 151 -33.43 -2.86 -2.29
C ASP D 151 -32.06 -3.29 -2.83
N LEU D 152 -31.92 -3.35 -4.16
CA LEU D 152 -30.62 -3.67 -4.73
C LEU D 152 -29.59 -2.61 -4.39
N GLN D 153 -29.99 -1.33 -4.45
CA GLN D 153 -29.08 -0.25 -4.07
C GLN D 153 -28.73 -0.32 -2.59
N LYS D 154 -29.71 -0.66 -1.74
CA LYS D 154 -29.45 -0.77 -0.31
C LYS D 154 -28.46 -1.89 -0.02
N ARG D 155 -28.62 -3.03 -0.70
CA ARG D 155 -27.65 -4.12 -0.54
C ARG D 155 -26.30 -3.75 -1.12
N LEU D 156 -26.29 -2.99 -2.21
CA LEU D 156 -25.03 -2.57 -2.84
C LEU D 156 -24.25 -1.65 -1.91
N LEU D 157 -24.90 -0.64 -1.35
CA LEU D 157 -24.22 0.32 -0.49
C LEU D 157 -23.78 -0.32 0.82
N ALA D 158 -24.51 -1.33 1.30
CA ALA D 158 -24.16 -1.98 2.56
C ALA D 158 -22.92 -2.84 2.46
N LEU D 159 -22.50 -3.20 1.24
CA LEU D 159 -21.27 -3.96 1.07
C LEU D 159 -20.02 -3.12 1.29
N ASP D 160 -20.12 -1.80 1.13
CA ASP D 160 -18.93 -0.95 1.28
C ASP D 160 -18.41 -0.93 2.71
N PRO D 161 -19.21 -0.65 3.74
CA PRO D 161 -18.64 -0.64 5.10
C PRO D 161 -18.17 -2.01 5.56
N MET D 162 -18.78 -3.09 5.06
CA MET D 162 -18.26 -4.43 5.36
C MET D 162 -16.88 -4.62 4.77
N MET D 163 -16.65 -4.13 3.55
CA MET D 163 -15.34 -4.26 2.93
C MET D 163 -14.30 -3.41 3.62
N GLU D 164 -14.65 -2.15 3.94
CA GLU D 164 -13.71 -1.26 4.60
C GLU D 164 -13.36 -1.76 6.00
N GLN D 165 -14.25 -2.53 6.62
CA GLN D 165 -13.94 -3.12 7.92
C GLN D 165 -12.83 -4.15 7.79
N GLU D 166 -12.94 -5.06 6.82
CA GLU D 166 -11.89 -6.07 6.62
C GLU D 166 -10.61 -5.45 6.12
N ILE D 167 -10.69 -4.33 5.40
CA ILE D 167 -9.48 -3.63 4.96
C ILE D 167 -8.77 -3.01 6.17
N GLU D 168 -9.53 -2.32 7.03
CA GLU D 168 -8.94 -1.77 8.25
C GLU D 168 -8.39 -2.87 9.14
N GLU D 169 -8.99 -4.07 9.10
CA GLU D 169 -8.44 -5.21 9.82
C GLU D 169 -7.00 -5.49 9.41
N ILE D 170 -6.75 -5.54 8.10
CA ILE D 170 -5.40 -5.81 7.61
C ILE D 170 -4.49 -4.61 7.85
N ARG D 171 -5.03 -3.40 7.69
CA ARG D 171 -4.23 -2.19 7.85
C ARG D 171 -3.67 -2.10 9.27
N GLN D 172 -4.44 -2.52 10.27
CA GLN D 172 -3.98 -2.44 11.65
C GLN D 172 -3.07 -3.60 12.02
N LYS D 173 -3.32 -4.79 11.45
CA LYS D 173 -2.41 -5.91 11.68
C LYS D 173 -1.01 -5.58 11.15
N TYR D 174 -0.93 -4.87 10.03
CA TYR D 174 0.37 -4.48 9.51
C TYR D 174 0.93 -3.28 10.26
N GLN D 175 0.09 -2.29 10.60
CA GLN D 175 0.57 -1.16 11.38
C GLN D 175 1.21 -1.61 12.68
N SER D 176 0.67 -2.66 13.31
CA SER D 176 1.32 -3.28 14.45
C SER D 176 2.58 -4.03 14.05
N LYS D 177 2.69 -4.45 12.80
CA LYS D 177 3.91 -5.11 12.33
C LYS D 177 5.02 -4.13 12.03
N ARG D 178 4.67 -2.93 11.53
CA ARG D 178 5.69 -1.92 11.23
C ARG D 178 6.12 -1.12 12.44
N GLN D 179 5.32 -1.15 13.50
CA GLN D 179 5.64 -0.29 14.67
C GLN D 179 7.00 -0.69 15.22
N PRO D 180 7.23 -1.93 15.70
CA PRO D 180 8.54 -2.24 16.30
C PRO D 180 9.70 -1.92 15.38
N ILE D 181 9.53 -2.12 14.08
CA ILE D 181 10.60 -1.79 13.14
C ILE D 181 10.77 -0.28 13.05
N LEU D 182 9.65 0.46 13.03
CA LEU D 182 9.74 1.91 13.05
C LEU D 182 10.34 2.42 14.35
N ASP D 183 9.98 1.79 15.47
CA ASP D 183 10.55 2.18 16.75
C ASP D 183 12.02 1.80 16.87
N ALA D 184 12.44 0.75 16.17
CA ALA D 184 13.84 0.34 16.22
C ALA D 184 14.74 1.32 15.50
N ILE D 185 14.31 1.82 14.33
CA ILE D 185 15.08 2.82 13.62
C ILE D 185 15.12 4.13 14.41
N GLU D 186 14.07 4.41 15.19
CA GLU D 186 14.04 5.62 16.00
C GLU D 186 14.90 5.50 17.25
N ALA D 187 15.03 4.29 17.81
CA ALA D 187 15.78 4.10 19.03
C ALA D 187 17.29 4.21 18.86
N LYS D 188 17.78 4.30 17.62
CA LYS D 188 19.22 4.40 17.38
C LYS D 188 19.68 5.85 17.50
#